data_7YGN
#
_entry.id   7YGN
#
loop_
_entity.id
_entity.type
_entity.pdbx_description
1 polymer 'Piwi-like protein 2'
2 polymer piRNA
3 non-polymer 'MAGNESIUM ION'
#
loop_
_entity_poly.entity_id
_entity_poly.type
_entity_poly.pdbx_seq_one_letter_code
_entity_poly.pdbx_strand_id
1 'polypeptide(L)'
;MDYKDDDDKGSDYKDDDDKGSDYKDDDDKGSENLYFQGKELLVKQGSKGTPQSLGLNLIKIQCHNEAVYQYHVTFSPSVE
CKSMRFGMLKDHQSVTGNVTAFDGSILYLPVKLQQVVELKSQRKTDDAEISIKIQLTKILEPCSDLCIPFYNVVFRRVMK
LLDMKLVGRNFYDPTSAMVLQQHRLQIWPGYAASIRRTDGGLFLLADVSHKVIRNDSVLDVMHAIYQQNKEHFQDECSKL
LVGSIVITRYNNRTYRIDDVDWNKTPKDSFVMSDGKEITFLEYYSKNYGITVKEDDQPLLIHRPSERQNNHGMLLKGEIL
LLPELSFMTGIPEKMKKDFRAMKDLTQQINLSPKQHHGALECLLQRISQNETASNELTRWGLSLHKDVHKIEGRLLPMER
INLRNTSFVTSEDLNWVKEVTRDASILTIPMHFWALFYPKRAMDQARELVNMLEKIAGPIGMRISPPAWVELKDDRIETY
IRTIQSLLGVEGKIQMVVCIIMGTRDDLYGAIKKLCCVQSPVPSQVINVRTIGQPTRLRSVAQKILLQMNCKLGGELWGV
DIPLKQLMVIGMDVYHDPSRGMRSVVGFVASINLTLTKWYSRVVFQMPHQEIVDSLKLCLVGSLKKYYEVNHCLPEKIVV
YRDGVSDGQLKTVANYEIPQLQKCFEAFDNYHPKMVVFVVQKKISTNLYLAAPDHFVTPSPGTVVDHTITSCEWVDFYLL
AHHVRQGCGIPTHYICVLNTANLSPDHMQRLTFKLCHMYWNWPGTIRVPAPCKYAHKLAFLSGQILHHEPAIQLCGNLFF
L
;
A
2 'polyribonucleotide' UUACCAUCAACAUGGAAACUUGGCU(OMC) B
#
loop_
_chem_comp.id
_chem_comp.type
_chem_comp.name
_chem_comp.formula
A RNA linking ADENOSINE-5'-MONOPHOSPHATE 'C10 H14 N5 O7 P'
C RNA linking CYTIDINE-5'-MONOPHOSPHATE 'C9 H14 N3 O8 P'
G RNA linking GUANOSINE-5'-MONOPHOSPHATE 'C10 H14 N5 O8 P'
MG non-polymer 'MAGNESIUM ION' 'Mg 2'
OMC RNA linking O2'-METHYLYCYTIDINE-5'-MONOPHOSPHATE 'C10 H16 N3 O8 P'
U RNA linking URIDINE-5'-MONOPHOSPHATE 'C9 H13 N2 O9 P'
#
# COMPACT_ATOMS: atom_id res chain seq x y z
N GLN A 45 6.07 10.23 26.61
CA GLN A 45 6.19 9.15 25.63
C GLN A 45 6.91 7.96 26.25
N GLY A 46 6.92 6.83 25.52
CA GLY A 46 7.50 5.62 26.05
C GLY A 46 9.00 5.73 26.22
N SER A 47 9.53 4.90 27.12
CA SER A 47 10.95 4.87 27.44
C SER A 47 11.48 3.45 27.62
N LYS A 48 10.72 2.44 27.22
CA LYS A 48 11.11 1.05 27.40
C LYS A 48 11.75 0.54 26.11
N GLY A 49 13.01 0.15 26.21
CA GLY A 49 13.71 -0.43 25.07
C GLY A 49 15.18 -0.06 25.11
N THR A 50 15.92 -0.63 24.17
CA THR A 50 17.35 -0.37 24.02
C THR A 50 17.54 0.84 23.11
N PRO A 51 18.44 1.79 23.43
CA PRO A 51 18.54 2.99 22.61
C PRO A 51 19.34 2.73 21.34
N GLN A 52 18.66 2.78 20.20
CA GLN A 52 19.22 2.42 18.91
C GLN A 52 19.50 3.69 18.12
N SER A 53 20.77 3.87 17.72
CA SER A 53 21.14 5.03 16.93
C SER A 53 20.69 4.85 15.48
N LEU A 54 19.67 5.61 15.08
CA LEU A 54 19.04 5.47 13.78
C LEU A 54 19.37 6.65 12.89
N GLY A 55 19.43 6.38 11.58
CA GLY A 55 19.56 7.41 10.58
C GLY A 55 18.34 7.42 9.67
N LEU A 56 18.01 8.57 9.10
CA LEU A 56 16.80 8.75 8.32
C LEU A 56 17.14 9.23 6.92
N ASN A 57 16.15 9.19 6.04
CA ASN A 57 16.26 9.76 4.70
C ASN A 57 15.72 11.19 4.63
N LEU A 58 15.71 11.88 5.76
CA LEU A 58 15.16 13.22 5.90
C LEU A 58 16.29 14.19 6.17
N ILE A 59 16.31 15.30 5.43
CA ILE A 59 17.34 16.33 5.57
C ILE A 59 16.71 17.56 6.21
N LYS A 60 17.31 18.04 7.29
CA LYS A 60 16.76 19.18 8.01
C LYS A 60 17.01 20.47 7.24
N ILE A 61 16.03 21.37 7.27
CA ILE A 61 16.13 22.68 6.62
C ILE A 61 16.16 23.74 7.71
N GLN A 62 17.18 24.59 7.68
CA GLN A 62 17.31 25.68 8.63
C GLN A 62 16.72 26.95 8.02
N CYS A 63 15.83 27.59 8.77
CA CYS A 63 15.17 28.82 8.36
C CYS A 63 15.87 30.00 9.02
N HIS A 64 16.37 30.94 8.22
CA HIS A 64 17.11 32.07 8.75
C HIS A 64 16.25 33.31 8.94
N ASN A 65 15.08 33.36 8.32
CA ASN A 65 14.18 34.48 8.53
C ASN A 65 13.51 34.36 9.89
N GLU A 66 12.85 35.45 10.30
CA GLU A 66 12.14 35.49 11.57
C GLU A 66 10.63 35.32 11.41
N ALA A 67 10.06 35.72 10.27
CA ALA A 67 8.64 35.61 10.08
C ALA A 67 8.30 35.69 8.60
N VAL A 68 7.09 35.24 8.27
CA VAL A 68 6.55 35.29 6.92
C VAL A 68 5.23 36.05 6.99
N TYR A 69 5.03 37.00 6.07
CA TYR A 69 3.90 37.91 6.14
C TYR A 69 2.86 37.54 5.09
N GLN A 70 1.61 37.36 5.53
CA GLN A 70 0.50 37.02 4.66
C GLN A 70 -0.36 38.25 4.44
N TYR A 71 -0.63 38.55 3.17
CA TYR A 71 -1.38 39.72 2.77
C TYR A 71 -2.56 39.30 1.91
N HIS A 72 -3.60 40.13 1.89
CA HIS A 72 -4.72 39.98 0.99
C HIS A 72 -4.75 41.15 0.02
N VAL A 73 -5.18 40.86 -1.22
CA VAL A 73 -5.22 41.83 -2.30
C VAL A 73 -6.66 42.00 -2.75
N THR A 74 -6.97 43.20 -3.23
CA THR A 74 -8.29 43.54 -3.75
C THR A 74 -8.14 44.24 -5.09
N PHE A 75 -9.06 43.95 -6.00
CA PHE A 75 -9.07 44.53 -7.34
C PHE A 75 -10.30 45.41 -7.49
N SER A 76 -10.11 46.60 -8.05
CA SER A 76 -11.19 47.56 -8.22
C SER A 76 -10.95 48.41 -9.47
N PRO A 77 -11.74 48.25 -10.55
CA PRO A 77 -12.79 47.26 -10.80
C PRO A 77 -12.31 45.81 -10.67
N SER A 78 -13.20 44.86 -10.91
CA SER A 78 -12.87 43.44 -10.77
C SER A 78 -12.11 42.94 -11.99
N VAL A 79 -11.15 42.06 -11.75
CA VAL A 79 -10.41 41.38 -12.81
C VAL A 79 -10.43 39.89 -12.50
N GLU A 80 -10.71 39.07 -13.52
CA GLU A 80 -10.94 37.65 -13.33
C GLU A 80 -9.73 36.78 -13.66
N CYS A 81 -9.00 37.10 -14.72
CA CYS A 81 -7.89 36.26 -15.14
C CYS A 81 -6.75 36.33 -14.11
N LYS A 82 -6.23 35.16 -13.75
CA LYS A 82 -5.12 35.12 -12.80
C LYS A 82 -3.86 35.70 -13.41
N SER A 83 -3.66 35.50 -14.71
CA SER A 83 -2.48 36.06 -15.36
C SER A 83 -2.48 37.59 -15.31
N MET A 84 -3.66 38.19 -15.49
CA MET A 84 -3.76 39.65 -15.37
C MET A 84 -3.39 40.11 -13.97
N ARG A 85 -3.86 39.38 -12.96
CA ARG A 85 -3.53 39.72 -11.58
C ARG A 85 -2.03 39.60 -11.34
N PHE A 86 -1.41 38.55 -11.88
CA PHE A 86 0.03 38.40 -11.72
C PHE A 86 0.78 39.51 -12.45
N GLY A 87 0.28 39.95 -13.60
CA GLY A 87 0.93 41.04 -14.30
C GLY A 87 0.86 42.35 -13.53
N MET A 88 -0.30 42.65 -12.93
CA MET A 88 -0.39 43.84 -12.10
C MET A 88 0.50 43.72 -10.87
N LEU A 89 0.52 42.54 -10.24
CA LEU A 89 1.39 42.32 -9.10
C LEU A 89 2.86 42.37 -9.51
N LYS A 90 3.14 42.15 -10.80
CA LYS A 90 4.52 42.20 -11.27
C LYS A 90 4.96 43.62 -11.56
N ASP A 91 4.05 44.45 -12.08
CA ASP A 91 4.30 45.89 -12.09
C ASP A 91 4.48 46.40 -10.66
N HIS A 92 3.74 45.78 -9.74
CA HIS A 92 3.86 46.14 -8.31
C HIS A 92 4.90 45.21 -7.67
N GLN A 93 5.67 44.48 -8.48
CA GLN A 93 6.77 43.67 -7.90
C GLN A 93 7.67 44.67 -7.19
N SER A 94 7.94 45.81 -7.82
CA SER A 94 8.68 46.88 -7.12
C SER A 94 7.86 47.24 -5.88
N VAL A 95 8.41 48.04 -4.97
CA VAL A 95 7.67 48.31 -3.72
C VAL A 95 7.48 47.06 -2.86
N THR A 96 6.74 46.07 -3.36
CA THR A 96 6.47 44.83 -2.65
C THR A 96 7.67 43.90 -2.58
N GLY A 97 8.75 44.18 -3.31
CA GLY A 97 9.92 43.33 -3.31
C GLY A 97 9.87 42.30 -4.42
N ASN A 98 11.01 41.63 -4.61
CA ASN A 98 11.21 40.69 -5.71
C ASN A 98 10.97 39.24 -5.32
N VAL A 99 10.72 38.94 -4.04
CA VAL A 99 10.48 37.58 -3.57
C VAL A 99 9.00 37.45 -3.21
N THR A 100 8.21 36.88 -4.12
CA THR A 100 6.76 36.84 -4.01
C THR A 100 6.28 35.40 -4.11
N ALA A 101 5.22 35.07 -3.35
CA ALA A 101 4.49 33.82 -3.58
C ALA A 101 3.00 34.18 -3.59
N PHE A 102 2.44 34.28 -4.79
CA PHE A 102 1.09 34.76 -5.02
C PHE A 102 0.27 33.70 -5.72
N ASP A 103 -0.93 33.44 -5.21
CA ASP A 103 -1.79 32.37 -5.71
C ASP A 103 -3.10 32.86 -6.32
N GLY A 104 -3.43 34.14 -6.18
CA GLY A 104 -4.64 34.70 -6.76
C GLY A 104 -5.33 35.69 -5.86
N SER A 105 -5.40 35.37 -4.57
CA SER A 105 -5.95 36.28 -3.56
C SER A 105 -5.10 36.40 -2.31
N ILE A 106 -4.15 35.50 -2.07
CA ILE A 106 -3.30 35.53 -0.89
C ILE A 106 -1.87 35.70 -1.36
N LEU A 107 -1.16 36.65 -0.75
CA LEU A 107 0.23 36.96 -1.11
C LEU A 107 1.11 36.64 0.09
N TYR A 108 2.22 35.96 -0.14
CA TYR A 108 3.20 35.66 0.89
C TYR A 108 4.49 36.37 0.55
N LEU A 109 5.03 37.10 1.53
CA LEU A 109 6.29 37.80 1.37
C LEU A 109 7.18 37.56 2.59
N PRO A 110 8.50 37.74 2.44
CA PRO A 110 9.39 37.72 3.62
C PRO A 110 9.73 39.08 4.19
N VAL A 111 9.18 40.16 3.64
CA VAL A 111 9.49 41.52 4.05
C VAL A 111 8.23 42.13 4.65
N LYS A 112 8.43 42.94 5.70
CA LYS A 112 7.32 43.53 6.45
C LYS A 112 6.94 44.85 5.80
N LEU A 113 5.85 44.84 5.04
CA LEU A 113 5.31 46.04 4.43
C LEU A 113 4.35 46.72 5.41
N GLN A 114 3.89 47.92 5.06
CA GLN A 114 3.01 48.67 5.94
C GLN A 114 1.68 47.95 6.11
N GLN A 115 0.89 48.42 7.08
CA GLN A 115 -0.39 47.80 7.38
C GLN A 115 -1.33 47.86 6.18
N VAL A 116 -1.39 49.02 5.52
CA VAL A 116 -2.19 49.21 4.32
C VAL A 116 -1.33 49.91 3.29
N VAL A 117 -1.38 49.44 2.05
CA VAL A 117 -0.68 50.09 0.94
C VAL A 117 -1.59 50.11 -0.27
N GLU A 118 -1.61 51.24 -0.97
CA GLU A 118 -2.43 51.45 -2.16
C GLU A 118 -1.51 51.68 -3.35
N LEU A 119 -1.86 51.10 -4.50
CA LEU A 119 -1.08 51.23 -5.71
C LEU A 119 -2.02 51.42 -6.89
N LYS A 120 -1.55 52.14 -7.90
CA LYS A 120 -2.31 52.44 -9.10
C LYS A 120 -1.59 51.84 -10.29
N SER A 121 -2.33 51.15 -11.15
CA SER A 121 -1.75 50.39 -12.25
C SER A 121 -2.55 50.63 -13.53
N GLN A 122 -1.91 50.33 -14.66
CA GLN A 122 -2.45 50.62 -15.98
C GLN A 122 -2.92 49.34 -16.64
N ARG A 123 -4.21 49.27 -16.96
CA ARG A 123 -4.80 48.10 -17.60
C ARG A 123 -4.34 48.02 -19.04
N LYS A 124 -4.11 46.80 -19.51
CA LYS A 124 -3.38 46.60 -20.76
C LYS A 124 -4.19 47.03 -21.98
N THR A 125 -5.45 46.61 -22.07
CA THR A 125 -6.26 46.77 -23.27
C THR A 125 -7.12 48.02 -23.24
N ASP A 126 -7.99 48.16 -22.24
CA ASP A 126 -8.89 49.32 -22.16
C ASP A 126 -8.15 50.61 -21.87
N ASP A 127 -6.87 50.56 -21.49
CA ASP A 127 -6.11 51.76 -21.14
C ASP A 127 -6.77 52.50 -19.98
N ALA A 128 -7.12 51.74 -18.95
CA ALA A 128 -7.80 52.26 -17.77
C ALA A 128 -6.89 52.12 -16.55
N GLU A 129 -7.30 52.77 -15.47
CA GLU A 129 -6.57 52.76 -14.20
C GLU A 129 -7.25 51.82 -13.22
N ILE A 130 -6.48 50.91 -12.64
CA ILE A 130 -6.98 49.91 -11.69
C ILE A 130 -6.21 50.09 -10.39
N SER A 131 -6.93 50.10 -9.28
CA SER A 131 -6.32 50.26 -7.96
C SER A 131 -6.14 48.90 -7.30
N ILE A 132 -4.94 48.66 -6.78
CA ILE A 132 -4.59 47.43 -6.08
C ILE A 132 -4.23 47.81 -4.65
N LYS A 133 -4.94 47.23 -3.68
CA LYS A 133 -4.72 47.51 -2.26
C LYS A 133 -4.22 46.24 -1.60
N ILE A 134 -3.15 46.36 -0.83
CA ILE A 134 -2.53 45.23 -0.13
C ILE A 134 -2.56 45.52 1.36
N GLN A 135 -3.06 44.57 2.14
CA GLN A 135 -3.28 44.72 3.57
C GLN A 135 -2.75 43.50 4.31
N LEU A 136 -2.14 43.74 5.46
CA LEU A 136 -1.67 42.66 6.30
C LEU A 136 -2.85 41.87 6.85
N THR A 137 -2.71 40.54 6.89
CA THR A 137 -3.66 39.66 7.52
C THR A 137 -3.07 38.99 8.75
N LYS A 138 -1.93 38.29 8.62
CA LYS A 138 -1.32 37.71 9.80
C LYS A 138 0.13 37.33 9.53
N ILE A 139 0.83 37.08 10.63
CA ILE A 139 2.27 36.81 10.64
C ILE A 139 2.47 35.35 11.02
N LEU A 140 3.12 34.60 10.14
CA LEU A 140 3.35 33.17 10.30
C LEU A 140 4.81 32.92 10.66
N GLU A 141 5.04 31.83 11.40
CA GLU A 141 6.40 31.38 11.63
C GLU A 141 6.94 30.79 10.32
N PRO A 142 8.27 30.77 10.13
CA PRO A 142 8.80 30.13 8.91
C PRO A 142 8.44 28.66 8.77
N CYS A 143 8.26 27.93 9.87
CA CYS A 143 7.93 26.52 9.84
C CYS A 143 6.44 26.26 10.03
N SER A 144 5.59 27.15 9.52
CA SER A 144 4.15 27.05 9.74
C SER A 144 3.53 26.02 8.80
N ASP A 145 2.28 25.66 9.10
CA ASP A 145 1.57 24.68 8.30
C ASP A 145 1.11 25.25 6.97
N LEU A 146 0.96 26.56 6.87
CA LEU A 146 0.44 27.20 5.67
C LEU A 146 1.52 27.54 4.65
N CYS A 147 2.80 27.35 4.99
CA CYS A 147 3.91 27.69 4.11
C CYS A 147 4.41 26.51 3.29
N ILE A 148 3.88 25.31 3.51
CA ILE A 148 4.36 24.11 2.84
C ILE A 148 4.14 24.17 1.33
N PRO A 149 2.98 24.62 0.81
CA PRO A 149 2.77 24.57 -0.66
C PRO A 149 3.75 25.38 -1.48
N PHE A 150 3.94 26.67 -1.18
CA PHE A 150 4.85 27.44 -2.00
C PHE A 150 6.31 27.09 -1.73
N TYR A 151 6.61 26.54 -0.55
CA TYR A 151 7.94 25.95 -0.36
C TYR A 151 8.15 24.78 -1.29
N ASN A 152 7.13 23.94 -1.46
CA ASN A 152 7.24 22.82 -2.41
C ASN A 152 7.41 23.33 -3.82
N VAL A 153 6.72 24.42 -4.17
CA VAL A 153 6.89 25.01 -5.51
C VAL A 153 8.33 25.49 -5.69
N VAL A 154 8.88 26.15 -4.66
CA VAL A 154 10.27 26.61 -4.72
C VAL A 154 11.20 25.41 -4.93
N PHE A 155 10.95 24.31 -4.22
CA PHE A 155 11.83 23.16 -4.37
C PHE A 155 11.68 22.50 -5.74
N ARG A 156 10.46 22.50 -6.30
CA ARG A 156 10.31 22.00 -7.66
C ARG A 156 11.13 22.82 -8.63
N ARG A 157 11.14 24.15 -8.46
CA ARG A 157 12.00 25.00 -9.28
C ARG A 157 13.47 24.63 -9.08
N VAL A 158 13.88 24.43 -7.82
CA VAL A 158 15.28 24.11 -7.52
C VAL A 158 15.70 22.84 -8.24
N MET A 159 14.87 21.80 -8.16
CA MET A 159 15.23 20.54 -8.79
C MET A 159 15.15 20.62 -10.30
N LYS A 160 14.24 21.44 -10.83
CA LYS A 160 14.16 21.63 -12.28
C LYS A 160 15.41 22.27 -12.83
N LEU A 161 16.00 23.22 -12.09
CA LEU A 161 17.23 23.85 -12.58
C LEU A 161 18.44 22.92 -12.52
N LEU A 162 18.33 21.74 -11.91
CA LEU A 162 19.39 20.74 -11.92
C LEU A 162 19.28 19.80 -13.12
N ASP A 163 18.69 20.25 -14.22
CA ASP A 163 18.63 19.50 -15.48
C ASP A 163 17.74 18.26 -15.36
N MET A 164 16.91 18.17 -14.32
CA MET A 164 16.05 17.01 -14.11
C MET A 164 14.73 17.15 -14.86
N LYS A 165 14.06 16.03 -15.06
CA LYS A 165 12.81 15.97 -15.81
C LYS A 165 11.70 15.46 -14.91
N LEU A 166 10.48 15.93 -15.15
CA LEU A 166 9.34 15.61 -14.32
C LEU A 166 8.42 14.66 -15.08
N VAL A 167 8.34 13.42 -14.61
CA VAL A 167 7.38 12.43 -15.09
C VAL A 167 6.50 12.03 -13.92
N GLY A 168 5.22 12.35 -14.01
CA GLY A 168 4.35 12.13 -12.87
C GLY A 168 4.61 13.18 -11.81
N ARG A 169 5.07 12.71 -10.63
CA ARG A 169 5.40 13.60 -9.52
C ARG A 169 6.85 13.48 -9.06
N ASN A 170 7.59 12.50 -9.55
CA ASN A 170 9.00 12.32 -9.21
C ASN A 170 9.87 12.95 -10.28
N PHE A 171 11.15 13.14 -9.94
CA PHE A 171 12.12 13.79 -10.81
C PHE A 171 13.13 12.74 -11.27
N TYR A 172 13.19 12.50 -12.58
CA TYR A 172 14.05 11.49 -13.17
C TYR A 172 15.11 12.13 -14.05
N ASP A 173 16.23 11.43 -14.15
CA ASP A 173 17.35 11.85 -14.99
C ASP A 173 17.45 10.93 -16.19
N PRO A 174 17.02 11.32 -17.40
CA PRO A 174 17.02 10.38 -18.52
C PRO A 174 18.39 10.21 -19.19
N THR A 175 19.34 11.10 -18.88
CA THR A 175 20.67 10.98 -19.46
C THR A 175 21.50 9.89 -18.81
N SER A 176 21.12 9.44 -17.61
CA SER A 176 21.80 8.36 -16.91
C SER A 176 21.02 7.06 -16.98
N ALA A 177 20.24 6.86 -18.05
CA ALA A 177 19.46 5.64 -18.17
C ALA A 177 20.37 4.43 -18.26
N MET A 178 19.99 3.36 -17.57
CA MET A 178 20.73 2.10 -17.58
C MET A 178 19.96 1.09 -18.41
N VAL A 179 20.57 0.65 -19.51
CA VAL A 179 19.91 -0.15 -20.54
C VAL A 179 20.18 -1.62 -20.27
N LEU A 180 19.09 -2.39 -20.11
CA LEU A 180 19.15 -3.85 -20.13
C LEU A 180 18.82 -4.28 -21.55
N GLN A 181 19.86 -4.40 -22.37
CA GLN A 181 19.65 -4.76 -23.77
C GLN A 181 19.25 -6.22 -23.92
N GLN A 182 19.70 -7.07 -22.99
CA GLN A 182 19.22 -8.45 -22.96
C GLN A 182 17.70 -8.52 -22.90
N HIS A 183 17.08 -7.57 -22.20
CA HIS A 183 15.64 -7.49 -22.01
C HIS A 183 14.96 -6.35 -22.78
N ARG A 184 15.73 -5.50 -23.47
CA ARG A 184 15.18 -4.33 -24.15
C ARG A 184 14.40 -3.45 -23.17
N LEU A 185 15.08 -3.03 -22.10
CA LEU A 185 14.50 -2.17 -21.09
C LEU A 185 15.48 -1.06 -20.74
N GLN A 186 14.92 -0.01 -20.14
CA GLN A 186 15.71 1.09 -19.60
C GLN A 186 15.22 1.41 -18.20
N ILE A 187 16.16 1.58 -17.28
CA ILE A 187 15.88 2.00 -15.92
C ILE A 187 16.36 3.43 -15.79
N TRP A 188 15.42 4.35 -15.58
CA TRP A 188 15.72 5.75 -15.34
C TRP A 188 15.84 5.98 -13.84
N PRO A 189 16.97 6.46 -13.33
CA PRO A 189 17.03 6.79 -11.90
C PRO A 189 16.40 8.14 -11.62
N GLY A 190 16.01 8.33 -10.37
CA GLY A 190 15.50 9.63 -9.97
C GLY A 190 15.13 9.61 -8.50
N TYR A 191 14.54 10.72 -8.06
CA TYR A 191 14.12 10.87 -6.68
C TYR A 191 12.68 11.35 -6.61
N ALA A 192 11.99 10.89 -5.58
CA ALA A 192 10.71 11.44 -5.15
C ALA A 192 11.02 12.31 -3.94
N ALA A 193 10.82 13.62 -4.09
CA ALA A 193 11.25 14.61 -3.10
C ALA A 193 10.11 15.53 -2.75
N SER A 194 9.98 15.83 -1.45
CA SER A 194 8.92 16.73 -0.98
C SER A 194 9.32 17.31 0.38
N ILE A 195 8.88 18.53 0.63
CA ILE A 195 9.16 19.22 1.89
C ILE A 195 7.96 19.06 2.81
N ARG A 196 8.21 18.69 4.06
CA ARG A 196 7.16 18.45 5.04
C ARG A 196 7.51 19.09 6.37
N ARG A 197 6.50 19.18 7.23
CA ARG A 197 6.62 19.72 8.57
C ARG A 197 6.29 18.63 9.58
N THR A 198 7.13 18.50 10.61
CA THR A 198 6.93 17.50 11.65
C THR A 198 7.09 18.15 13.03
N ASP A 199 7.05 17.35 14.10
CA ASP A 199 7.27 17.93 15.42
C ASP A 199 8.66 18.53 15.54
N GLY A 200 9.66 17.87 14.94
CA GLY A 200 11.03 18.28 15.05
C GLY A 200 11.44 19.44 14.19
N GLY A 201 10.58 19.88 13.27
CA GLY A 201 10.87 21.05 12.46
C GLY A 201 10.44 20.91 11.02
N LEU A 202 11.21 21.52 10.12
CA LEU A 202 10.97 21.47 8.69
C LEU A 202 11.99 20.54 8.05
N PHE A 203 11.51 19.61 7.22
CA PHE A 203 12.37 18.57 6.67
C PHE A 203 12.11 18.41 5.18
N LEU A 204 13.10 17.86 4.50
CA LEU A 204 12.99 17.45 3.11
C LEU A 204 13.11 15.94 3.07
N LEU A 205 12.07 15.27 2.57
CA LEU A 205 12.04 13.82 2.44
C LEU A 205 12.34 13.48 0.98
N ALA A 206 13.41 12.73 0.77
CA ALA A 206 13.85 12.32 -0.57
C ALA A 206 14.04 10.81 -0.57
N ASP A 207 13.49 10.14 -1.58
CA ASP A 207 13.58 8.70 -1.72
C ASP A 207 13.97 8.35 -3.14
N VAL A 208 14.81 7.34 -3.30
CA VAL A 208 15.29 6.93 -4.61
C VAL A 208 14.20 6.13 -5.31
N SER A 209 13.89 6.48 -6.56
CA SER A 209 12.88 5.79 -7.34
C SER A 209 13.38 5.56 -8.76
N HIS A 210 12.98 4.40 -9.31
CA HIS A 210 13.41 3.96 -10.63
C HIS A 210 12.19 3.80 -11.53
N LYS A 211 12.34 4.22 -12.79
CA LYS A 211 11.28 4.12 -13.78
C LYS A 211 11.69 3.16 -14.89
N VAL A 212 10.76 2.32 -15.32
CA VAL A 212 11.02 1.30 -16.33
C VAL A 212 10.39 1.76 -17.63
N ILE A 213 11.20 1.80 -18.69
CA ILE A 213 10.77 2.26 -20.01
C ILE A 213 11.19 1.20 -21.03
N ARG A 214 10.41 1.06 -22.11
CA ARG A 214 10.76 0.14 -23.17
C ARG A 214 11.60 0.81 -24.24
N ASN A 215 12.67 0.12 -24.64
CA ASN A 215 13.50 0.62 -25.74
C ASN A 215 12.71 0.67 -27.04
N ASP A 216 11.95 -0.38 -27.34
CA ASP A 216 11.22 -0.46 -28.59
C ASP A 216 9.93 0.34 -28.50
N SER A 217 9.53 0.93 -29.63
CA SER A 217 8.28 1.65 -29.69
C SER A 217 7.10 0.69 -29.59
N VAL A 218 5.94 1.23 -29.21
CA VAL A 218 4.73 0.40 -29.21
C VAL A 218 4.32 0.05 -30.64
N LEU A 219 4.76 0.82 -31.63
CA LEU A 219 4.57 0.41 -33.02
C LEU A 219 5.34 -0.88 -33.32
N ASP A 220 6.55 -1.01 -32.76
CA ASP A 220 7.30 -2.25 -32.95
C ASP A 220 6.60 -3.43 -32.30
N VAL A 221 6.00 -3.21 -31.13
CA VAL A 221 5.22 -4.28 -30.49
C VAL A 221 4.01 -4.64 -31.35
N MET A 222 3.36 -3.63 -31.92
CA MET A 222 2.24 -3.88 -32.82
C MET A 222 2.69 -4.71 -34.02
N HIS A 223 3.84 -4.37 -34.59
CA HIS A 223 4.37 -5.12 -35.73
C HIS A 223 4.71 -6.55 -35.34
N ALA A 224 5.28 -6.75 -34.15
CA ALA A 224 5.59 -8.10 -33.70
C ALA A 224 4.33 -8.93 -33.53
N ILE A 225 3.29 -8.34 -32.93
CA ILE A 225 2.03 -9.09 -32.77
C ILE A 225 1.39 -9.35 -34.12
N TYR A 226 1.51 -8.41 -35.06
CA TYR A 226 1.04 -8.66 -36.42
C TYR A 226 1.83 -9.76 -37.10
N GLN A 227 3.11 -9.91 -36.76
CA GLN A 227 3.94 -10.95 -37.35
C GLN A 227 3.56 -12.33 -36.83
N GLN A 228 3.59 -12.49 -35.51
CA GLN A 228 3.32 -13.79 -34.90
C GLN A 228 1.83 -14.12 -34.79
N ASN A 229 0.95 -13.18 -35.13
CA ASN A 229 -0.48 -13.44 -35.17
C ASN A 229 -1.08 -12.71 -36.36
N LYS A 230 -1.95 -13.40 -37.11
CA LYS A 230 -2.51 -12.88 -38.34
C LYS A 230 -3.93 -12.36 -38.19
N GLU A 231 -4.81 -13.14 -37.54
CA GLU A 231 -6.22 -12.81 -37.46
C GLU A 231 -6.61 -12.14 -36.14
N HIS A 232 -6.20 -12.72 -35.01
CA HIS A 232 -6.59 -12.23 -33.70
C HIS A 232 -5.67 -11.12 -33.18
N PHE A 233 -4.94 -10.44 -34.06
CA PHE A 233 -3.96 -9.46 -33.60
C PHE A 233 -4.63 -8.24 -32.99
N GLN A 234 -5.80 -7.85 -33.49
CA GLN A 234 -6.50 -6.69 -32.96
C GLN A 234 -6.84 -6.88 -31.49
N ASP A 235 -7.42 -8.03 -31.14
CA ASP A 235 -7.82 -8.28 -29.75
C ASP A 235 -6.62 -8.32 -28.82
N GLU A 236 -5.55 -8.98 -29.23
CA GLU A 236 -4.36 -9.05 -28.38
C GLU A 236 -3.72 -7.68 -28.21
N CYS A 237 -3.67 -6.89 -29.29
CA CYS A 237 -3.12 -5.53 -29.17
C CYS A 237 -3.95 -4.69 -28.21
N SER A 238 -5.28 -4.76 -28.34
CA SER A 238 -6.13 -4.00 -27.42
C SER A 238 -5.93 -4.49 -25.98
N LYS A 239 -5.83 -5.80 -25.78
CA LYS A 239 -5.62 -6.33 -24.44
C LYS A 239 -4.33 -5.81 -23.84
N LEU A 240 -3.25 -5.77 -24.64
CA LEU A 240 -1.98 -5.27 -24.13
C LEU A 240 -2.05 -3.77 -23.84
N LEU A 241 -2.77 -3.02 -24.66
CA LEU A 241 -2.68 -1.57 -24.61
C LEU A 241 -3.45 -0.97 -23.43
N VAL A 242 -4.58 -1.58 -23.05
CA VAL A 242 -5.53 -0.88 -22.16
C VAL A 242 -4.89 -0.58 -20.81
N GLY A 243 -4.42 -1.61 -20.11
CA GLY A 243 -3.93 -1.41 -18.76
C GLY A 243 -2.66 -0.57 -18.72
N SER A 244 -1.80 -0.74 -19.72
CA SER A 244 -0.47 -0.14 -19.69
C SER A 244 -0.53 1.38 -19.81
N ILE A 245 0.41 2.05 -19.16
CA ILE A 245 0.59 3.49 -19.31
C ILE A 245 1.62 3.73 -20.40
N VAL A 246 1.53 4.88 -21.07
CA VAL A 246 2.42 5.22 -22.16
C VAL A 246 2.94 6.64 -21.95
N ILE A 247 4.08 6.95 -22.57
CA ILE A 247 4.65 8.30 -22.55
C ILE A 247 4.89 8.76 -23.98
N THR A 248 5.37 10.00 -24.08
CA THR A 248 5.91 10.52 -25.33
C THR A 248 7.25 11.17 -25.05
N ARG A 249 8.30 10.68 -25.70
CA ARG A 249 9.66 11.09 -25.37
C ARG A 249 9.97 12.51 -25.82
N TYR A 250 9.30 13.02 -26.85
CA TYR A 250 9.61 14.37 -27.32
C TYR A 250 9.18 15.43 -26.30
N ASN A 251 8.13 15.15 -25.52
CA ASN A 251 7.66 16.05 -24.48
C ASN A 251 7.68 15.44 -23.08
N ASN A 252 8.01 14.16 -22.94
CA ASN A 252 8.13 13.50 -21.64
C ASN A 252 6.84 13.62 -20.83
N ARG A 253 5.70 13.57 -21.51
CA ARG A 253 4.40 13.57 -20.86
C ARG A 253 3.82 12.17 -20.90
N THR A 254 3.10 11.81 -19.83
CA THR A 254 2.55 10.47 -19.65
C THR A 254 1.03 10.51 -19.85
N TYR A 255 0.54 9.63 -20.71
CA TYR A 255 -0.89 9.42 -20.92
C TYR A 255 -1.19 7.96 -20.62
N ARG A 256 -2.41 7.67 -20.15
CA ARG A 256 -2.86 6.30 -19.95
C ARG A 256 -3.84 5.96 -21.05
N ILE A 257 -3.39 5.20 -22.05
CA ILE A 257 -4.24 4.81 -23.16
C ILE A 257 -5.22 3.74 -22.69
N ASP A 258 -6.48 3.91 -23.07
CA ASP A 258 -7.53 2.93 -22.80
C ASP A 258 -8.07 2.25 -24.06
N ASP A 259 -7.96 2.88 -25.23
CA ASP A 259 -8.48 2.31 -26.46
C ASP A 259 -7.52 2.58 -27.61
N VAL A 260 -7.80 1.93 -28.74
CA VAL A 260 -6.99 2.05 -29.95
C VAL A 260 -7.92 2.30 -31.12
N ASP A 261 -7.61 3.31 -31.91
CA ASP A 261 -8.40 3.69 -33.08
C ASP A 261 -7.78 3.06 -34.33
N TRP A 262 -8.62 2.35 -35.09
CA TRP A 262 -8.18 1.56 -36.23
C TRP A 262 -8.45 2.23 -37.57
N ASN A 263 -9.40 3.15 -37.64
CA ASN A 263 -9.83 3.69 -38.93
C ASN A 263 -9.06 4.94 -39.34
N LYS A 264 -8.82 5.86 -38.41
CA LYS A 264 -8.12 7.09 -38.75
C LYS A 264 -6.63 6.81 -38.95
N THR A 265 -6.00 7.67 -39.74
CA THR A 265 -4.61 7.54 -40.14
C THR A 265 -3.95 8.91 -40.02
N PRO A 266 -2.62 8.96 -39.92
CA PRO A 266 -1.95 10.27 -39.91
C PRO A 266 -2.26 11.15 -41.12
N LYS A 267 -2.60 10.56 -42.26
CA LYS A 267 -2.98 11.38 -43.42
C LYS A 267 -4.21 12.24 -43.12
N ASP A 268 -5.07 11.79 -42.20
CA ASP A 268 -6.29 12.49 -41.90
C ASP A 268 -5.98 13.79 -41.14
N SER A 269 -7.03 14.54 -40.82
CA SER A 269 -6.93 15.83 -40.15
C SER A 269 -7.63 15.78 -38.80
N PHE A 270 -7.35 16.78 -37.98
CA PHE A 270 -7.91 16.86 -36.64
C PHE A 270 -7.97 18.32 -36.21
N VAL A 271 -8.77 18.58 -35.19
CA VAL A 271 -8.90 19.92 -34.64
C VAL A 271 -7.64 20.30 -33.89
N GLU A 277 -8.67 23.36 -38.83
CA GLU A 277 -8.47 22.05 -39.43
C GLU A 277 -7.05 21.92 -39.97
N ILE A 278 -6.30 20.96 -39.44
CA ILE A 278 -4.91 20.76 -39.80
C ILE A 278 -4.56 19.30 -39.63
N THR A 279 -3.57 18.84 -40.40
CA THR A 279 -3.17 17.44 -40.42
C THR A 279 -2.12 17.15 -39.35
N PHE A 280 -2.00 15.86 -39.00
CA PHE A 280 -1.01 15.45 -38.01
C PHE A 280 0.41 15.65 -38.53
N LEU A 281 0.65 15.31 -39.80
CA LEU A 281 2.02 15.33 -40.32
C LEU A 281 2.58 16.73 -40.34
N GLU A 282 1.83 17.69 -40.89
CA GLU A 282 2.29 19.07 -40.89
C GLU A 282 2.43 19.61 -39.47
N TYR A 283 1.48 19.27 -38.59
CA TYR A 283 1.52 19.71 -37.20
C TYR A 283 2.83 19.27 -36.54
N TYR A 284 3.18 17.99 -36.68
CA TYR A 284 4.36 17.47 -36.00
C TYR A 284 5.64 17.94 -36.66
N SER A 285 5.66 18.03 -38.00
CA SER A 285 6.86 18.52 -38.67
C SER A 285 7.06 20.02 -38.46
N LYS A 286 6.03 20.76 -38.07
CA LYS A 286 6.18 22.16 -37.75
C LYS A 286 6.58 22.39 -36.30
N ASN A 287 5.93 21.70 -35.35
CA ASN A 287 6.25 21.92 -33.95
C ASN A 287 7.60 21.32 -33.56
N TYR A 288 7.89 20.11 -34.04
CA TYR A 288 9.11 19.40 -33.65
C TYR A 288 9.96 18.96 -34.84
N GLY A 289 9.44 18.95 -36.06
CA GLY A 289 10.25 18.54 -37.18
C GLY A 289 10.54 17.06 -37.26
N ILE A 290 9.71 16.23 -36.64
CA ILE A 290 9.90 14.79 -36.67
C ILE A 290 9.45 14.26 -38.03
N THR A 291 10.35 13.60 -38.74
CA THR A 291 10.06 13.04 -40.05
C THR A 291 9.46 11.65 -39.86
N VAL A 292 8.16 11.52 -40.11
CA VAL A 292 7.48 10.24 -39.93
C VAL A 292 7.85 9.31 -41.07
N LYS A 293 8.26 8.09 -40.73
CA LYS A 293 8.71 7.14 -41.75
C LYS A 293 7.54 6.57 -42.53
N GLU A 294 6.59 5.93 -41.84
CA GLU A 294 5.42 5.32 -42.46
C GLU A 294 4.16 5.91 -41.85
N ASP A 295 3.14 6.09 -42.69
CA ASP A 295 1.93 6.82 -42.32
C ASP A 295 0.69 5.93 -42.35
N ASP A 296 0.86 4.61 -42.27
CA ASP A 296 -0.26 3.67 -42.26
C ASP A 296 -0.63 3.21 -40.85
N GLN A 297 -0.04 3.81 -39.83
CA GLN A 297 -0.19 3.35 -38.46
C GLN A 297 -1.56 3.68 -37.89
N PRO A 298 -2.02 2.93 -36.88
CA PRO A 298 -3.28 3.30 -36.19
C PRO A 298 -3.05 4.42 -35.20
N LEU A 299 -4.08 4.78 -34.42
CA LEU A 299 -3.99 5.84 -33.42
C LEU A 299 -4.32 5.28 -32.04
N LEU A 300 -3.98 6.04 -31.00
CA LEU A 300 -4.20 5.64 -29.61
C LEU A 300 -5.13 6.64 -28.96
N ILE A 301 -6.14 6.12 -28.24
CA ILE A 301 -7.21 6.92 -27.64
C ILE A 301 -7.09 6.81 -26.13
N HIS A 302 -6.94 7.97 -25.47
CA HIS A 302 -7.01 8.07 -24.02
C HIS A 302 -8.11 9.05 -23.65
N ARG A 303 -8.92 8.68 -22.66
CA ARG A 303 -10.03 9.49 -22.19
C ARG A 303 -9.82 9.82 -20.71
N PRO A 304 -9.98 11.09 -20.29
CA PRO A 304 -9.79 11.35 -18.85
C PRO A 304 -10.99 10.93 -18.02
N GLU A 318 -10.86 14.33 -26.21
CA GLU A 318 -10.13 13.10 -26.45
C GLU A 318 -8.63 13.36 -26.44
N ILE A 319 -7.86 12.31 -26.17
CA ILE A 319 -6.41 12.34 -26.30
C ILE A 319 -6.02 11.37 -27.40
N LEU A 320 -5.45 11.90 -28.48
CA LEU A 320 -5.15 11.15 -29.70
C LEU A 320 -3.64 11.14 -29.89
N LEU A 321 -3.02 9.97 -29.79
CA LEU A 321 -1.57 9.83 -29.86
C LEU A 321 -1.18 8.92 -31.01
N LEU A 322 0.04 9.12 -31.50
CA LEU A 322 0.62 8.26 -32.54
C LEU A 322 1.38 7.11 -31.89
N PRO A 323 1.45 5.91 -32.50
CA PRO A 323 2.21 4.82 -31.87
C PRO A 323 3.70 4.87 -32.13
N GLU A 324 4.17 5.38 -33.27
CA GLU A 324 5.60 5.49 -33.48
C GLU A 324 6.27 6.42 -32.48
N LEU A 325 5.53 7.39 -31.95
CA LEU A 325 6.04 8.36 -31.00
C LEU A 325 5.72 8.00 -29.55
N SER A 326 5.18 6.81 -29.32
CA SER A 326 4.67 6.40 -28.00
C SER A 326 5.44 5.18 -27.52
N PHE A 327 5.86 5.22 -26.25
CA PHE A 327 6.62 4.14 -25.64
C PHE A 327 5.94 3.72 -24.35
N MET A 328 5.75 2.42 -24.17
CA MET A 328 5.07 1.90 -22.99
C MET A 328 5.95 2.08 -21.75
N THR A 329 5.33 1.91 -20.59
CA THR A 329 6.04 1.93 -19.31
C THR A 329 5.67 0.69 -18.50
N GLY A 330 6.24 0.61 -17.32
CA GLY A 330 5.96 -0.47 -16.41
C GLY A 330 6.79 -1.69 -16.71
N ILE A 331 6.96 -2.52 -15.70
CA ILE A 331 7.69 -3.78 -15.89
C ILE A 331 6.91 -4.65 -16.87
N PRO A 332 7.57 -5.32 -17.83
CA PRO A 332 6.80 -6.10 -18.81
C PRO A 332 6.01 -7.23 -18.14
N GLU A 333 4.86 -7.54 -18.74
CA GLU A 333 4.00 -8.58 -18.19
C GLU A 333 4.70 -9.95 -18.21
N LYS A 334 5.41 -10.25 -19.29
CA LYS A 334 6.04 -11.56 -19.42
C LYS A 334 7.15 -11.76 -18.38
N MET A 335 7.83 -10.68 -17.99
CA MET A 335 9.00 -10.82 -17.14
C MET A 335 8.63 -11.21 -15.72
N LYS A 336 7.42 -10.86 -15.28
CA LYS A 336 7.01 -11.17 -13.91
C LYS A 336 7.00 -12.67 -13.66
N LYS A 337 6.54 -13.46 -14.64
CA LYS A 337 6.51 -14.91 -14.47
C LYS A 337 7.92 -15.49 -14.52
N ASP A 338 8.82 -14.85 -15.26
CA ASP A 338 10.21 -15.27 -15.30
C ASP A 338 10.88 -14.97 -13.95
N PHE A 339 11.83 -15.84 -13.59
CA PHE A 339 12.54 -15.73 -12.30
C PHE A 339 13.95 -15.16 -12.45
N ARG A 340 14.73 -15.69 -13.39
CA ARG A 340 16.07 -15.15 -13.63
C ARG A 340 15.99 -13.68 -13.99
N ALA A 341 15.01 -13.32 -14.83
CA ALA A 341 14.81 -11.92 -15.21
C ALA A 341 14.51 -11.06 -13.99
N MET A 342 13.55 -11.48 -13.16
CA MET A 342 13.22 -10.69 -11.98
C MET A 342 14.35 -10.73 -10.97
N LYS A 343 15.11 -11.84 -10.89
CA LYS A 343 16.24 -11.84 -9.96
C LYS A 343 17.27 -10.79 -10.35
N ASP A 344 17.58 -10.69 -11.65
CA ASP A 344 18.52 -9.64 -12.08
C ASP A 344 17.93 -8.24 -11.85
N LEU A 345 16.66 -8.04 -12.19
CA LEU A 345 16.07 -6.71 -12.05
C LEU A 345 15.98 -6.31 -10.58
N THR A 346 15.68 -7.26 -9.70
CA THR A 346 15.69 -7.03 -8.26
C THR A 346 17.09 -6.71 -7.76
N GLN A 347 18.11 -7.43 -8.27
CA GLN A 347 19.48 -7.11 -7.89
C GLN A 347 19.83 -5.68 -8.27
N GLN A 348 19.33 -5.19 -9.41
CA GLN A 348 19.67 -3.84 -9.85
C GLN A 348 18.86 -2.76 -9.14
N ILE A 349 17.57 -2.99 -8.88
CA ILE A 349 16.67 -1.94 -8.41
C ILE A 349 16.77 -1.74 -6.91
N ASN A 350 16.51 -2.79 -6.12
CA ASN A 350 16.57 -2.65 -4.67
C ASN A 350 18.01 -2.41 -4.23
N LEU A 351 18.19 -1.37 -3.43
CA LEU A 351 19.49 -0.91 -2.98
C LEU A 351 19.64 -1.13 -1.48
N SER A 352 20.87 -1.43 -1.08
CA SER A 352 21.17 -1.57 0.33
C SER A 352 21.14 -0.19 0.99
N PRO A 353 21.08 -0.14 2.33
CA PRO A 353 21.12 1.16 3.01
C PRO A 353 22.34 2.00 2.62
N LYS A 354 23.49 1.37 2.42
CA LYS A 354 24.69 2.13 2.06
C LYS A 354 24.51 2.84 0.73
N GLN A 355 23.96 2.16 -0.27
CA GLN A 355 23.75 2.78 -1.58
C GLN A 355 22.68 3.86 -1.52
N HIS A 356 21.62 3.65 -0.74
CA HIS A 356 20.59 4.68 -0.60
C HIS A 356 21.16 5.95 0.03
N HIS A 357 21.93 5.80 1.12
CA HIS A 357 22.56 6.96 1.72
C HIS A 357 23.55 7.61 0.77
N GLY A 358 24.28 6.81 0.00
CA GLY A 358 25.19 7.38 -0.98
C GLY A 358 24.46 8.21 -2.03
N ALA A 359 23.31 7.73 -2.48
CA ALA A 359 22.52 8.48 -3.44
C ALA A 359 22.00 9.79 -2.85
N LEU A 360 21.54 9.75 -1.59
CA LEU A 360 21.09 10.99 -0.96
C LEU A 360 22.24 11.98 -0.81
N GLU A 361 23.41 11.50 -0.39
CA GLU A 361 24.56 12.38 -0.25
C GLU A 361 24.96 12.95 -1.60
N CYS A 362 24.86 12.15 -2.67
CA CYS A 362 25.14 12.65 -4.00
C CYS A 362 24.17 13.75 -4.41
N LEU A 363 22.88 13.58 -4.11
CA LEU A 363 21.91 14.63 -4.42
C LEU A 363 22.22 15.90 -3.66
N LEU A 364 22.53 15.79 -2.36
CA LEU A 364 22.85 16.97 -1.57
C LEU A 364 24.10 17.66 -2.10
N GLN A 365 25.11 16.88 -2.46
CA GLN A 365 26.34 17.45 -3.02
C GLN A 365 26.05 18.16 -4.34
N ARG A 366 25.18 17.57 -5.17
CA ARG A 366 24.81 18.19 -6.44
C ARG A 366 24.08 19.51 -6.21
N ILE A 367 23.19 19.56 -5.22
CA ILE A 367 22.53 20.82 -4.90
C ILE A 367 23.55 21.85 -4.43
N SER A 368 24.46 21.45 -3.55
CA SER A 368 25.42 22.39 -2.98
C SER A 368 26.38 22.94 -4.02
N GLN A 369 26.91 22.09 -4.91
CA GLN A 369 27.85 22.56 -5.92
C GLN A 369 27.23 23.46 -6.96
N ASN A 370 25.90 23.53 -7.06
CA ASN A 370 25.23 24.42 -8.00
C ASN A 370 24.84 25.69 -7.25
N GLU A 371 25.35 26.83 -7.72
CA GLU A 371 25.12 28.09 -7.01
C GLU A 371 23.71 28.63 -7.25
N THR A 372 23.16 28.45 -8.46
CA THR A 372 21.82 28.96 -8.74
C THR A 372 20.76 28.20 -7.95
N ALA A 373 20.90 26.88 -7.85
CA ALA A 373 19.93 26.09 -7.10
C ALA A 373 19.92 26.49 -5.63
N SER A 374 21.09 26.68 -5.04
CA SER A 374 21.15 27.13 -3.65
C SER A 374 20.65 28.56 -3.51
N ASN A 375 20.88 29.40 -4.52
CA ASN A 375 20.38 30.77 -4.48
C ASN A 375 18.87 30.80 -4.46
N GLU A 376 18.23 29.92 -5.24
CA GLU A 376 16.77 29.86 -5.25
C GLU A 376 16.21 29.50 -3.88
N LEU A 377 16.97 28.73 -3.09
CA LEU A 377 16.52 28.38 -1.75
C LEU A 377 16.81 29.48 -0.74
N THR A 378 17.96 30.14 -0.83
CA THR A 378 18.33 31.15 0.14
C THR A 378 17.60 32.47 -0.08
N ARG A 379 16.83 32.60 -1.16
CA ARG A 379 15.97 33.76 -1.33
C ARG A 379 14.93 33.86 -0.23
N TRP A 380 14.48 32.72 0.30
CA TRP A 380 13.51 32.66 1.38
C TRP A 380 14.16 32.39 2.73
N GLY A 381 15.48 32.47 2.82
CA GLY A 381 16.15 32.21 4.08
C GLY A 381 16.20 30.75 4.47
N LEU A 382 16.07 29.84 3.52
CA LEU A 382 16.16 28.41 3.76
C LEU A 382 17.55 27.91 3.38
N SER A 383 18.03 26.93 4.14
CA SER A 383 19.34 26.33 3.84
C SER A 383 19.31 24.85 4.21
N LEU A 384 19.44 23.98 3.21
CA LEU A 384 19.54 22.55 3.46
C LEU A 384 20.86 22.23 4.14
N HIS A 385 20.83 21.24 5.04
CA HIS A 385 22.04 20.79 5.70
C HIS A 385 22.83 19.87 4.76
N LYS A 386 24.06 19.55 5.17
CA LYS A 386 24.96 18.77 4.34
C LYS A 386 24.88 17.27 4.58
N ASP A 387 23.98 16.81 5.46
CA ASP A 387 23.88 15.39 5.76
C ASP A 387 22.47 15.11 6.24
N VAL A 388 22.12 13.82 6.24
CA VAL A 388 20.78 13.40 6.64
C VAL A 388 20.62 13.57 8.14
N HIS A 389 19.38 13.54 8.62
CA HIS A 389 19.09 13.68 10.04
C HIS A 389 19.25 12.34 10.74
N LYS A 390 19.93 12.35 11.88
CA LYS A 390 20.16 11.16 12.69
C LYS A 390 19.36 11.28 13.99
N ILE A 391 18.44 10.34 14.20
CA ILE A 391 17.59 10.33 15.39
C ILE A 391 17.96 9.14 16.26
N GLU A 392 17.34 9.06 17.43
CA GLU A 392 17.47 7.91 18.32
C GLU A 392 16.11 7.23 18.45
N GLY A 393 16.08 5.91 18.19
CA GLY A 393 14.89 5.13 18.38
C GLY A 393 15.07 4.18 19.55
N ARG A 394 14.02 3.41 19.83
CA ARG A 394 14.04 2.41 20.88
C ARG A 394 13.73 1.04 20.30
N LEU A 395 14.47 0.04 20.78
CA LEU A 395 14.23 -1.36 20.45
C LEU A 395 13.35 -1.96 21.53
N LEU A 396 12.15 -2.37 21.15
CA LEU A 396 11.18 -2.86 22.12
C LEU A 396 11.61 -4.23 22.66
N PRO A 397 11.20 -4.58 23.87
CA PRO A 397 11.52 -5.91 24.40
C PRO A 397 10.75 -7.00 23.68
N MET A 398 11.32 -8.20 23.68
CA MET A 398 10.74 -9.33 22.99
C MET A 398 9.70 -10.03 23.85
N GLU A 399 8.88 -10.85 23.20
CA GLU A 399 7.76 -11.53 23.84
C GLU A 399 8.02 -13.04 23.92
N ARG A 400 7.12 -13.70 24.65
CA ARG A 400 7.12 -15.15 24.81
C ARG A 400 6.00 -15.69 23.93
N ILE A 401 6.33 -16.61 23.03
CA ILE A 401 5.31 -17.32 22.26
C ILE A 401 4.98 -18.61 22.98
N ASN A 402 3.68 -18.83 23.21
CA ASN A 402 3.18 -19.91 24.05
C ASN A 402 2.55 -20.99 23.18
N LEU A 403 3.02 -22.23 23.34
CA LEU A 403 2.33 -23.40 22.83
C LEU A 403 1.62 -24.07 24.00
N ARG A 404 1.08 -25.26 23.79
CA ARG A 404 0.25 -25.90 24.82
C ARG A 404 1.06 -26.18 26.08
N ASN A 405 2.20 -26.85 25.94
CA ASN A 405 3.00 -27.28 27.08
C ASN A 405 4.29 -26.51 27.25
N THR A 406 4.73 -25.76 26.24
CA THR A 406 5.99 -25.04 26.31
C THR A 406 5.83 -23.67 25.65
N SER A 407 6.67 -22.74 26.09
CA SER A 407 6.76 -21.42 25.49
C SER A 407 8.22 -21.05 25.33
N PHE A 408 8.52 -20.31 24.27
CA PHE A 408 9.90 -19.98 23.92
C PHE A 408 10.06 -18.47 23.78
N VAL A 409 11.18 -17.97 24.27
CA VAL A 409 11.59 -16.59 24.00
C VAL A 409 11.82 -16.46 22.50
N THR A 410 11.13 -15.53 21.86
CA THR A 410 11.33 -15.31 20.44
C THR A 410 12.79 -14.89 20.20
N SER A 411 13.45 -15.57 19.29
CA SER A 411 14.88 -15.34 19.07
C SER A 411 15.08 -14.01 18.35
N GLU A 412 16.34 -13.64 18.15
CA GLU A 412 16.68 -12.36 17.54
C GLU A 412 16.17 -12.24 16.10
N ASP A 413 15.91 -13.35 15.42
CA ASP A 413 15.46 -13.32 14.04
C ASP A 413 13.97 -13.05 13.91
N LEU A 414 13.19 -13.19 14.98
CA LEU A 414 11.73 -13.07 14.92
C LEU A 414 11.17 -14.03 13.87
N ASN A 415 11.64 -15.26 13.90
CA ASN A 415 11.15 -16.34 13.07
C ASN A 415 11.27 -17.63 13.84
N TRP A 416 10.17 -18.39 13.91
CA TRP A 416 10.08 -19.59 14.74
C TRP A 416 9.42 -20.73 13.96
N VAL A 417 9.88 -20.96 12.73
CA VAL A 417 9.23 -21.96 11.87
C VAL A 417 9.42 -23.37 12.44
N LYS A 418 10.61 -23.68 12.95
CA LYS A 418 10.88 -25.04 13.42
C LYS A 418 10.10 -25.36 14.69
N GLU A 419 10.01 -24.39 15.60
CA GLU A 419 9.43 -24.64 16.92
C GLU A 419 7.97 -25.04 16.81
N VAL A 420 7.22 -24.39 15.93
CA VAL A 420 5.80 -24.72 15.78
C VAL A 420 5.63 -26.14 15.28
N THR A 421 6.43 -26.53 14.29
CA THR A 421 6.32 -27.89 13.74
C THR A 421 6.73 -28.94 14.77
N ARG A 422 7.67 -28.60 15.65
CA ARG A 422 8.15 -29.61 16.59
C ARG A 422 7.13 -29.95 17.66
N ASP A 423 6.49 -28.93 18.27
CA ASP A 423 5.70 -29.13 19.47
C ASP A 423 4.22 -28.85 19.21
N ALA A 424 3.39 -29.26 20.18
CA ALA A 424 1.96 -29.31 19.99
C ALA A 424 1.32 -27.94 20.12
N SER A 425 0.07 -27.84 19.66
CA SER A 425 -0.66 -26.59 19.55
C SER A 425 -1.67 -26.45 20.68
N ILE A 426 -2.24 -25.26 20.81
CA ILE A 426 -3.17 -24.97 21.91
C ILE A 426 -4.39 -25.87 21.83
N LEU A 427 -5.02 -25.92 20.65
CA LEU A 427 -6.23 -26.70 20.45
C LEU A 427 -6.10 -27.46 19.14
N THR A 428 -6.40 -28.75 19.17
CA THR A 428 -6.35 -29.62 18.00
C THR A 428 -7.70 -30.31 17.83
N ILE A 429 -8.23 -30.26 16.62
CA ILE A 429 -9.51 -30.88 16.28
C ILE A 429 -9.21 -32.20 15.58
N PRO A 430 -9.61 -33.35 16.12
CA PRO A 430 -9.33 -34.61 15.42
C PRO A 430 -10.02 -34.66 14.06
N MET A 431 -9.33 -35.23 13.08
CA MET A 431 -9.85 -35.44 11.74
C MET A 431 -10.08 -36.92 11.55
N HIS A 432 -11.35 -37.31 11.46
CA HIS A 432 -11.73 -38.69 11.26
C HIS A 432 -12.48 -38.91 9.95
N PHE A 433 -13.19 -37.91 9.47
CA PHE A 433 -13.98 -37.99 8.25
C PHE A 433 -13.58 -36.82 7.36
N TRP A 434 -12.76 -37.10 6.35
CA TRP A 434 -12.36 -36.10 5.37
C TRP A 434 -12.10 -36.80 4.05
N ALA A 435 -12.24 -36.03 2.96
CA ALA A 435 -12.17 -36.59 1.61
C ALA A 435 -11.03 -35.96 0.84
N LEU A 436 -10.39 -36.78 0.00
CA LEU A 436 -9.30 -36.34 -0.86
C LEU A 436 -9.65 -36.62 -2.31
N PHE A 437 -9.74 -35.55 -3.10
CA PHE A 437 -10.14 -35.60 -4.50
C PHE A 437 -8.90 -35.36 -5.35
N TYR A 438 -8.41 -36.42 -6.00
CA TYR A 438 -7.17 -36.34 -6.75
C TYR A 438 -7.36 -36.80 -8.19
N PRO A 439 -6.65 -36.23 -9.15
CA PRO A 439 -6.84 -36.60 -10.56
C PRO A 439 -6.18 -37.93 -10.89
N LYS A 440 -6.30 -38.32 -12.16
CA LYS A 440 -5.77 -39.61 -12.60
C LYS A 440 -4.25 -39.68 -12.48
N ARG A 441 -3.56 -38.59 -12.79
CA ARG A 441 -2.11 -38.60 -12.95
C ARG A 441 -1.35 -38.25 -11.67
N ALA A 442 -2.04 -38.01 -10.55
CA ALA A 442 -1.41 -37.64 -9.30
C ALA A 442 -1.71 -38.66 -8.20
N MET A 443 -1.95 -39.92 -8.57
CA MET A 443 -2.16 -40.96 -7.58
C MET A 443 -0.93 -41.15 -6.70
N ASP A 444 0.26 -41.22 -7.31
CA ASP A 444 1.46 -41.52 -6.54
C ASP A 444 1.77 -40.41 -5.55
N GLN A 445 2.00 -39.20 -6.06
CA GLN A 445 2.36 -38.08 -5.19
C GLN A 445 1.32 -37.90 -4.08
N ALA A 446 0.04 -37.90 -4.46
CA ALA A 446 -1.02 -37.80 -3.47
C ALA A 446 -0.85 -38.85 -2.38
N ARG A 447 -0.66 -40.12 -2.77
CA ARG A 447 -0.42 -41.16 -1.78
C ARG A 447 0.75 -40.78 -0.88
N GLU A 448 1.86 -40.38 -1.50
CA GLU A 448 3.03 -40.00 -0.71
C GLU A 448 2.68 -38.90 0.26
N LEU A 449 1.93 -37.89 -0.20
CA LEU A 449 1.52 -36.79 0.68
C LEU A 449 0.84 -37.34 1.92
N VAL A 450 -0.16 -38.21 1.72
CA VAL A 450 -0.90 -38.73 2.86
C VAL A 450 0.03 -39.45 3.81
N ASN A 451 0.98 -40.21 3.26
CA ASN A 451 1.92 -40.93 4.13
C ASN A 451 2.64 -39.96 5.05
N MET A 452 3.19 -38.88 4.48
CA MET A 452 3.90 -37.93 5.33
C MET A 452 2.97 -37.28 6.33
N LEU A 453 1.72 -37.02 5.92
CA LEU A 453 0.77 -36.39 6.84
C LEU A 453 0.57 -37.26 8.08
N GLU A 454 0.76 -38.57 7.95
CA GLU A 454 0.60 -39.45 9.10
C GLU A 454 1.84 -39.41 9.99
N LYS A 455 3.03 -39.22 9.40
CA LYS A 455 4.25 -39.22 10.20
C LYS A 455 4.43 -37.90 10.92
N ILE A 456 4.16 -36.78 10.25
CA ILE A 456 4.41 -35.47 10.85
C ILE A 456 3.33 -35.11 11.87
N ALA A 457 2.16 -35.77 11.81
CA ALA A 457 1.04 -35.36 12.64
C ALA A 457 1.34 -35.56 14.12
N GLY A 458 2.07 -36.62 14.48
CA GLY A 458 2.30 -36.96 15.86
C GLY A 458 2.97 -35.91 16.69
N PRO A 459 4.10 -35.33 16.24
CA PRO A 459 4.70 -34.22 17.01
C PRO A 459 3.77 -33.04 17.21
N ILE A 460 2.93 -32.73 16.23
CA ILE A 460 2.02 -31.59 16.36
C ILE A 460 0.85 -31.95 17.28
N GLY A 461 0.57 -33.22 17.48
CA GLY A 461 -0.53 -33.65 18.30
C GLY A 461 -1.86 -33.75 17.59
N MET A 462 -1.87 -33.86 16.26
CA MET A 462 -3.08 -34.04 15.49
C MET A 462 -3.30 -35.53 15.23
N ARG A 463 -4.56 -35.95 15.31
CA ARG A 463 -4.95 -37.32 15.00
C ARG A 463 -5.74 -37.30 13.69
N ILE A 464 -5.15 -37.85 12.63
CA ILE A 464 -5.78 -37.90 11.33
C ILE A 464 -5.93 -39.36 10.92
N SER A 465 -7.13 -39.72 10.46
CA SER A 465 -7.40 -41.03 9.90
C SER A 465 -7.13 -41.02 8.41
N PRO A 466 -7.12 -42.18 7.75
CA PRO A 466 -6.94 -42.19 6.31
C PRO A 466 -8.06 -41.42 5.63
N PRO A 467 -7.76 -40.75 4.51
CA PRO A 467 -8.82 -40.02 3.81
C PRO A 467 -9.83 -40.93 3.15
N ALA A 468 -10.86 -40.34 2.56
CA ALA A 468 -11.74 -41.02 1.61
C ALA A 468 -11.18 -40.69 0.23
N TRP A 469 -10.52 -41.67 -0.39
CA TRP A 469 -9.90 -41.45 -1.68
C TRP A 469 -10.97 -41.38 -2.76
N VAL A 470 -10.95 -40.31 -3.56
CA VAL A 470 -11.82 -40.17 -4.71
C VAL A 470 -10.97 -39.76 -5.89
N GLU A 471 -10.97 -40.59 -6.93
CA GLU A 471 -10.20 -40.38 -8.15
C GLU A 471 -11.13 -39.78 -9.20
N LEU A 472 -10.77 -38.61 -9.71
CA LEU A 472 -11.61 -37.91 -10.68
C LEU A 472 -11.30 -38.43 -12.08
N LYS A 473 -12.35 -38.86 -12.79
CA LYS A 473 -12.15 -39.55 -14.05
C LYS A 473 -11.56 -38.63 -15.10
N ASP A 474 -11.90 -37.34 -15.05
CA ASP A 474 -11.31 -36.35 -15.94
C ASP A 474 -11.21 -35.03 -15.19
N ASP A 475 -10.25 -34.19 -15.62
CA ASP A 475 -9.95 -32.94 -14.93
C ASP A 475 -10.81 -31.79 -15.44
N ARG A 476 -12.12 -32.06 -15.55
CA ARG A 476 -13.09 -31.07 -15.95
C ARG A 476 -13.73 -30.45 -14.72
N ILE A 477 -14.01 -29.14 -14.81
CA ILE A 477 -14.45 -28.39 -13.63
C ILE A 477 -15.77 -28.96 -13.11
N GLU A 478 -16.70 -29.22 -14.03
CA GLU A 478 -17.98 -29.79 -13.63
C GLU A 478 -17.80 -31.17 -12.99
N THR A 479 -16.82 -31.95 -13.42
CA THR A 479 -16.59 -33.24 -12.78
C THR A 479 -16.19 -33.06 -11.32
N TYR A 480 -15.26 -32.12 -11.06
CA TYR A 480 -14.88 -31.78 -9.69
C TYR A 480 -16.11 -31.41 -8.87
N ILE A 481 -16.92 -30.48 -9.40
CA ILE A 481 -18.03 -29.95 -8.62
C ILE A 481 -19.07 -31.04 -8.34
N ARG A 482 -19.41 -31.83 -9.36
CA ARG A 482 -20.39 -32.89 -9.15
C ARG A 482 -19.89 -33.93 -8.15
N THR A 483 -18.62 -34.32 -8.24
CA THR A 483 -18.11 -35.31 -7.31
C THR A 483 -18.13 -34.79 -5.87
N ILE A 484 -17.68 -33.54 -5.68
CA ILE A 484 -17.67 -32.98 -4.33
C ILE A 484 -19.09 -32.87 -3.78
N GLN A 485 -20.03 -32.40 -4.61
CA GLN A 485 -21.41 -32.27 -4.14
C GLN A 485 -22.01 -33.63 -3.80
N SER A 486 -21.73 -34.64 -4.63
CA SER A 486 -22.27 -35.96 -4.36
C SER A 486 -21.75 -36.52 -3.04
N LEU A 487 -20.44 -36.39 -2.79
CA LEU A 487 -19.91 -36.90 -1.53
C LEU A 487 -20.40 -36.07 -0.35
N LEU A 488 -20.63 -34.78 -0.54
CA LEU A 488 -21.21 -33.96 0.52
C LEU A 488 -22.60 -34.43 0.87
N GLY A 489 -23.44 -34.67 -0.14
CA GLY A 489 -24.79 -35.12 0.13
C GLY A 489 -24.85 -36.50 0.74
N VAL A 490 -24.07 -37.45 0.20
CA VAL A 490 -24.13 -38.82 0.69
C VAL A 490 -23.59 -38.90 2.11
N GLU A 491 -22.41 -38.33 2.34
CA GLU A 491 -21.74 -38.36 3.64
C GLU A 491 -21.84 -36.98 4.25
N GLY A 492 -22.67 -36.86 5.29
CA GLY A 492 -22.88 -35.58 5.96
C GLY A 492 -21.88 -35.25 7.04
N LYS A 493 -20.87 -36.09 7.25
CA LYS A 493 -19.94 -35.94 8.37
C LYS A 493 -18.54 -35.52 7.95
N ILE A 494 -18.30 -35.27 6.66
CA ILE A 494 -16.94 -34.97 6.24
C ILE A 494 -16.52 -33.62 6.81
N GLN A 495 -15.36 -33.58 7.46
CA GLN A 495 -14.90 -32.35 8.10
C GLN A 495 -14.17 -31.45 7.11
N MET A 496 -13.50 -32.04 6.12
CA MET A 496 -12.65 -31.28 5.22
C MET A 496 -12.60 -31.96 3.86
N VAL A 497 -12.60 -31.11 2.83
CA VAL A 497 -12.42 -31.52 1.45
C VAL A 497 -11.06 -31.01 1.00
N VAL A 498 -10.18 -31.93 0.60
CA VAL A 498 -8.86 -31.59 0.07
C VAL A 498 -8.87 -31.95 -1.41
N CYS A 499 -8.50 -30.99 -2.26
CA CYS A 499 -8.53 -31.14 -3.71
C CYS A 499 -7.13 -30.95 -4.26
N ILE A 500 -6.77 -31.77 -5.24
CA ILE A 500 -5.47 -31.67 -5.93
C ILE A 500 -5.73 -31.26 -7.37
N ILE A 501 -5.04 -30.20 -7.80
CA ILE A 501 -5.26 -29.59 -9.11
C ILE A 501 -3.99 -29.69 -9.94
N MET A 502 -4.18 -29.90 -11.24
CA MET A 502 -3.10 -30.02 -12.20
C MET A 502 -2.82 -28.64 -12.80
N GLY A 503 -1.56 -28.21 -12.73
CA GLY A 503 -1.17 -26.96 -13.33
C GLY A 503 -1.77 -25.75 -12.64
N THR A 504 -1.86 -24.65 -13.38
CA THR A 504 -2.44 -23.40 -12.91
C THR A 504 -3.83 -23.26 -13.53
N ARG A 505 -4.85 -23.44 -12.70
CA ARG A 505 -6.25 -23.31 -13.11
C ARG A 505 -6.97 -22.43 -12.08
N ASP A 506 -7.12 -21.15 -12.39
CA ASP A 506 -7.78 -20.23 -11.47
C ASP A 506 -9.30 -20.40 -11.50
N ASP A 507 -9.87 -20.74 -12.65
CA ASP A 507 -11.32 -20.98 -12.71
C ASP A 507 -11.72 -22.15 -11.83
N LEU A 508 -10.91 -23.22 -11.83
CA LEU A 508 -11.20 -24.36 -10.98
C LEU A 508 -11.13 -23.97 -9.50
N TYR A 509 -10.12 -23.18 -9.13
CA TYR A 509 -10.02 -22.69 -7.76
C TYR A 509 -11.25 -21.88 -7.38
N GLY A 510 -11.68 -20.98 -8.27
CA GLY A 510 -12.87 -20.20 -7.99
C GLY A 510 -14.10 -21.06 -7.81
N ALA A 511 -14.28 -22.05 -8.67
CA ALA A 511 -15.44 -22.93 -8.54
C ALA A 511 -15.41 -23.71 -7.23
N ILE A 512 -14.24 -24.25 -6.87
CA ILE A 512 -14.14 -25.04 -5.64
C ILE A 512 -14.48 -24.19 -4.43
N LYS A 513 -13.89 -22.99 -4.36
CA LYS A 513 -14.12 -22.16 -3.18
C LYS A 513 -15.54 -21.60 -3.17
N LYS A 514 -16.12 -21.32 -4.34
CA LYS A 514 -17.51 -20.90 -4.38
C LYS A 514 -18.42 -21.98 -3.84
N LEU A 515 -18.16 -23.24 -4.21
CA LEU A 515 -18.99 -24.32 -3.68
C LEU A 515 -18.80 -24.48 -2.19
N CYS A 516 -17.56 -24.49 -1.72
CA CYS A 516 -17.29 -24.91 -0.34
C CYS A 516 -17.56 -23.80 0.65
N CYS A 517 -17.41 -22.54 0.24
CA CYS A 517 -17.60 -21.43 1.17
C CYS A 517 -19.03 -20.91 1.16
N VAL A 518 -19.67 -20.90 0.01
CA VAL A 518 -20.97 -20.24 -0.17
C VAL A 518 -22.10 -21.25 -0.36
N GLN A 519 -22.03 -22.04 -1.44
CA GLN A 519 -23.18 -22.88 -1.80
C GLN A 519 -23.36 -24.02 -0.80
N SER A 520 -22.27 -24.66 -0.39
CA SER A 520 -22.30 -25.74 0.59
C SER A 520 -21.22 -25.46 1.62
N PRO A 521 -21.56 -25.13 2.89
CA PRO A 521 -20.52 -24.66 3.82
C PRO A 521 -19.68 -25.78 4.42
N VAL A 522 -18.60 -26.17 3.75
CA VAL A 522 -17.62 -27.09 4.31
C VAL A 522 -16.25 -26.45 4.18
N PRO A 523 -15.32 -26.66 5.12
CA PRO A 523 -13.95 -26.18 4.89
C PRO A 523 -13.30 -26.90 3.71
N SER A 524 -12.39 -26.20 3.03
CA SER A 524 -11.76 -26.73 1.83
C SER A 524 -10.28 -26.37 1.84
N GLN A 525 -9.49 -27.22 1.17
CA GLN A 525 -8.07 -27.00 0.97
C GLN A 525 -7.73 -27.40 -0.46
N VAL A 526 -6.85 -26.62 -1.09
CA VAL A 526 -6.38 -26.88 -2.44
C VAL A 526 -4.86 -27.02 -2.39
N ILE A 527 -4.35 -28.07 -3.02
CA ILE A 527 -2.92 -28.36 -3.08
C ILE A 527 -2.55 -28.56 -4.54
N ASN A 528 -1.48 -27.91 -4.98
CA ASN A 528 -1.02 -28.05 -6.35
C ASN A 528 0.00 -29.17 -6.46
N VAL A 529 -0.02 -29.87 -7.60
CA VAL A 529 0.79 -31.08 -7.72
C VAL A 529 2.27 -30.73 -7.74
N ARG A 530 2.62 -29.55 -8.25
CA ARG A 530 4.03 -29.17 -8.28
C ARG A 530 4.60 -29.09 -6.87
N THR A 531 3.81 -28.60 -5.92
CA THR A 531 4.28 -28.44 -4.55
C THR A 531 4.64 -29.79 -3.93
N ILE A 532 3.78 -30.79 -4.11
CA ILE A 532 4.00 -32.09 -3.48
C ILE A 532 4.77 -33.05 -4.37
N GLY A 533 5.14 -32.65 -5.59
CA GLY A 533 5.87 -33.55 -6.47
C GLY A 533 7.34 -33.66 -6.10
N GLN A 534 7.95 -32.55 -5.72
CA GLN A 534 9.38 -32.55 -5.42
C GLN A 534 9.63 -33.38 -4.16
N PRO A 535 10.31 -34.53 -4.23
CA PRO A 535 10.45 -35.35 -3.02
C PRO A 535 11.20 -34.68 -1.89
N THR A 536 12.16 -33.79 -2.21
CA THR A 536 13.03 -33.24 -1.17
C THR A 536 12.23 -32.38 -0.19
N ARG A 537 11.36 -31.52 -0.70
CA ARG A 537 10.56 -30.61 0.12
C ARG A 537 9.14 -31.15 0.18
N LEU A 538 8.92 -32.12 1.06
CA LEU A 538 7.58 -32.63 1.31
C LEU A 538 7.23 -32.70 2.79
N ARG A 539 8.22 -32.90 3.66
CA ARG A 539 7.94 -32.85 5.09
C ARG A 539 7.58 -31.44 5.53
N SER A 540 8.39 -30.46 5.11
CA SER A 540 8.16 -29.08 5.53
C SER A 540 6.83 -28.54 5.01
N VAL A 541 6.51 -28.81 3.74
CA VAL A 541 5.24 -28.33 3.21
C VAL A 541 4.07 -29.09 3.80
N ALA A 542 4.24 -30.38 4.09
CA ALA A 542 3.17 -31.14 4.73
C ALA A 542 2.84 -30.58 6.10
N GLN A 543 3.86 -30.18 6.87
CA GLN A 543 3.61 -29.62 8.18
C GLN A 543 2.81 -28.32 8.09
N LYS A 544 3.16 -27.45 7.15
CA LYS A 544 2.44 -26.20 6.99
C LYS A 544 1.01 -26.43 6.50
N ILE A 545 0.82 -27.39 5.59
CA ILE A 545 -0.53 -27.71 5.14
C ILE A 545 -1.38 -28.21 6.31
N LEU A 546 -0.81 -29.09 7.13
CA LEU A 546 -1.58 -29.62 8.27
C LEU A 546 -1.91 -28.52 9.27
N LEU A 547 -0.98 -27.60 9.51
CA LEU A 547 -1.28 -26.47 10.38
C LEU A 547 -2.40 -25.62 9.82
N GLN A 548 -2.39 -25.38 8.51
CA GLN A 548 -3.47 -24.59 7.91
C GLN A 548 -4.81 -25.30 8.04
N MET A 549 -4.85 -26.62 7.81
CA MET A 549 -6.11 -27.34 8.01
C MET A 549 -6.57 -27.26 9.45
N ASN A 550 -5.65 -27.37 10.40
CA ASN A 550 -6.04 -27.26 11.81
C ASN A 550 -6.64 -25.89 12.10
N CYS A 551 -6.06 -24.84 11.55
CA CYS A 551 -6.65 -23.51 11.72
C CYS A 551 -8.04 -23.45 11.11
N LYS A 552 -8.22 -24.04 9.92
CA LYS A 552 -9.51 -23.97 9.25
C LYS A 552 -10.59 -24.74 10.00
N LEU A 553 -10.22 -25.84 10.66
CA LEU A 553 -11.21 -26.62 11.41
C LEU A 553 -11.73 -25.87 12.63
N GLY A 554 -10.91 -25.00 13.21
CA GLY A 554 -11.27 -24.28 14.42
C GLY A 554 -10.28 -24.48 15.54
N GLY A 555 -9.04 -24.83 15.19
CA GLY A 555 -8.00 -25.01 16.18
C GLY A 555 -7.26 -23.73 16.49
N GLU A 556 -6.36 -23.82 17.47
CA GLU A 556 -5.59 -22.69 17.96
C GLU A 556 -4.12 -23.09 18.04
N LEU A 557 -3.24 -22.30 17.41
CA LEU A 557 -1.86 -22.71 17.21
C LEU A 557 -0.93 -22.19 18.30
N TRP A 558 -0.82 -20.88 18.45
CA TRP A 558 0.03 -20.27 19.47
C TRP A 558 -0.59 -18.96 19.95
N GLY A 559 0.05 -18.33 20.93
CA GLY A 559 -0.47 -17.12 21.49
C GLY A 559 0.59 -16.32 22.22
N VAL A 560 0.23 -15.08 22.55
CA VAL A 560 1.06 -14.19 23.35
C VAL A 560 0.27 -13.78 24.57
N ASP A 561 0.97 -13.22 25.56
CA ASP A 561 0.36 -12.80 26.81
C ASP A 561 -0.17 -11.39 26.66
N ILE A 562 -1.48 -11.26 26.54
CA ILE A 562 -2.11 -9.94 26.38
C ILE A 562 -2.15 -9.25 27.75
N PRO A 563 -1.67 -8.01 27.89
CA PRO A 563 -1.52 -7.42 29.24
C PRO A 563 -2.69 -6.59 29.75
N LEU A 564 -3.78 -6.48 28.99
CA LEU A 564 -4.95 -5.68 29.39
C LEU A 564 -6.15 -6.60 29.49
N LYS A 565 -6.92 -6.45 30.56
CA LYS A 565 -7.99 -7.39 30.87
C LYS A 565 -9.31 -6.93 30.28
N GLN A 566 -10.16 -7.91 29.96
CA GLN A 566 -11.45 -7.68 29.33
C GLN A 566 -11.29 -6.82 28.08
N LEU A 567 -10.54 -7.32 27.11
CA LEU A 567 -10.16 -6.57 25.91
C LEU A 567 -10.66 -7.29 24.68
N MET A 568 -11.16 -6.51 23.72
CA MET A 568 -11.67 -7.01 22.46
C MET A 568 -11.01 -6.22 21.34
N VAL A 569 -10.38 -6.92 20.39
CA VAL A 569 -9.64 -6.30 19.30
C VAL A 569 -10.47 -6.44 18.03
N ILE A 570 -10.63 -5.33 17.32
CA ILE A 570 -11.32 -5.28 16.04
C ILE A 570 -10.35 -4.78 15.01
N GLY A 571 -10.33 -5.41 13.84
CA GLY A 571 -9.50 -4.98 12.73
C GLY A 571 -10.32 -4.90 11.46
N MET A 572 -10.09 -3.86 10.67
CA MET A 572 -10.74 -3.65 9.40
C MET A 572 -9.70 -3.43 8.31
N ASP A 573 -10.05 -3.82 7.09
CA ASP A 573 -9.26 -3.45 5.93
C ASP A 573 -10.18 -3.49 4.72
N VAL A 574 -9.85 -2.70 3.71
CA VAL A 574 -10.72 -2.47 2.56
C VAL A 574 -10.02 -2.98 1.32
N TYR A 575 -10.76 -3.74 0.50
CA TYR A 575 -10.28 -4.21 -0.78
C TYR A 575 -10.91 -3.40 -1.91
N HIS A 576 -10.07 -2.94 -2.83
CA HIS A 576 -10.51 -2.17 -3.99
C HIS A 576 -10.20 -2.98 -5.25
N ASP A 577 -11.19 -3.09 -6.13
CA ASP A 577 -11.00 -3.78 -7.39
C ASP A 577 -9.93 -3.06 -8.22
N PRO A 578 -9.16 -3.78 -9.05
CA PRO A 578 -8.26 -3.08 -9.97
C PRO A 578 -9.00 -2.09 -10.86
N SER A 579 -10.19 -2.43 -11.31
CA SER A 579 -11.16 -1.47 -11.81
C SER A 579 -12.01 -0.90 -10.69
N ARG A 580 -11.48 0.05 -9.91
CA ARG A 580 -12.01 0.36 -8.59
C ARG A 580 -13.47 0.78 -8.58
N GLY A 581 -14.04 1.13 -9.74
CA GLY A 581 -15.46 1.39 -9.81
C GLY A 581 -16.29 0.11 -9.76
N MET A 582 -16.20 -0.62 -8.66
CA MET A 582 -16.88 -1.89 -8.48
C MET A 582 -17.39 -1.95 -7.05
N ARG A 583 -17.88 -3.12 -6.63
CA ARG A 583 -18.34 -3.34 -5.26
C ARG A 583 -17.12 -3.47 -4.36
N SER A 584 -16.72 -2.35 -3.77
CA SER A 584 -15.63 -2.38 -2.81
C SER A 584 -16.06 -3.10 -1.54
N VAL A 585 -15.17 -3.92 -0.99
CA VAL A 585 -15.46 -4.81 0.12
C VAL A 585 -14.72 -4.32 1.35
N VAL A 586 -15.39 -4.31 2.49
CA VAL A 586 -14.79 -3.97 3.78
C VAL A 586 -14.92 -5.20 4.68
N GLY A 587 -13.78 -5.74 5.11
CA GLY A 587 -13.78 -6.85 6.03
C GLY A 587 -13.87 -6.39 7.47
N PHE A 588 -14.23 -7.32 8.35
CA PHE A 588 -14.40 -7.01 9.76
C PHE A 588 -14.02 -8.27 10.53
N VAL A 589 -13.01 -8.19 11.38
CA VAL A 589 -12.60 -9.33 12.20
C VAL A 589 -12.50 -8.84 13.63
N ALA A 590 -13.20 -9.52 14.54
CA ALA A 590 -13.21 -9.16 15.95
C ALA A 590 -12.90 -10.39 16.78
N SER A 591 -12.49 -10.17 18.02
CA SER A 591 -12.19 -11.27 18.93
C SER A 591 -13.40 -11.59 19.81
N ILE A 592 -13.58 -12.88 20.10
CA ILE A 592 -14.65 -13.32 20.98
C ILE A 592 -14.09 -14.22 22.06
N ASN A 593 -12.82 -14.07 22.39
CA ASN A 593 -12.16 -14.89 23.39
C ASN A 593 -11.26 -13.98 24.25
N LEU A 594 -11.13 -14.35 25.52
CA LEU A 594 -10.31 -13.57 26.44
C LEU A 594 -8.84 -13.68 26.09
N THR A 595 -8.41 -14.81 25.53
CA THR A 595 -7.03 -15.02 25.12
C THR A 595 -6.75 -14.53 23.70
N LEU A 596 -7.77 -14.04 22.99
CA LEU A 596 -7.64 -13.57 21.62
C LEU A 596 -7.17 -14.70 20.69
N THR A 597 -7.89 -15.82 20.75
CA THR A 597 -7.62 -16.97 19.89
C THR A 597 -8.82 -17.40 19.07
N LYS A 598 -10.02 -16.92 19.38
CA LYS A 598 -11.21 -17.13 18.58
C LYS A 598 -11.59 -15.82 17.92
N TRP A 599 -12.06 -15.89 16.68
CA TRP A 599 -12.37 -14.69 15.89
C TRP A 599 -13.73 -14.84 15.22
N TYR A 600 -14.52 -13.78 15.32
CA TYR A 600 -15.78 -13.63 14.62
C TYR A 600 -15.56 -12.66 13.47
N SER A 601 -15.87 -13.08 12.25
CA SER A 601 -15.55 -12.33 11.05
C SER A 601 -16.78 -12.13 10.19
N ARG A 602 -16.89 -10.93 9.62
CA ARG A 602 -17.99 -10.58 8.74
C ARG A 602 -17.45 -9.73 7.59
N VAL A 603 -18.27 -9.59 6.56
CA VAL A 603 -17.93 -8.83 5.36
C VAL A 603 -19.09 -7.89 5.07
N VAL A 604 -18.78 -6.69 4.59
CA VAL A 604 -19.80 -5.74 4.14
C VAL A 604 -19.38 -5.18 2.79
N PHE A 605 -20.37 -4.86 1.97
CA PHE A 605 -20.15 -4.36 0.62
C PHE A 605 -20.57 -2.90 0.49
N GLN A 606 -19.87 -2.18 -0.39
CA GLN A 606 -20.15 -0.76 -0.65
C GLN A 606 -21.13 -0.68 -1.81
N MET A 607 -22.37 -1.12 -1.57
CA MET A 607 -23.38 -1.05 -2.61
C MET A 607 -24.01 0.36 -2.65
N PRO A 608 -24.49 0.80 -3.81
CA PRO A 608 -24.90 2.20 -3.95
C PRO A 608 -26.12 2.55 -3.12
N HIS A 609 -26.21 3.84 -2.77
CA HIS A 609 -27.33 4.52 -2.12
C HIS A 609 -27.41 4.31 -0.61
N GLN A 610 -26.53 3.51 -0.02
CA GLN A 610 -26.38 3.40 1.43
C GLN A 610 -24.94 3.68 1.82
N GLU A 611 -24.75 3.85 3.13
CA GLU A 611 -23.43 4.11 3.71
C GLU A 611 -22.94 2.89 4.46
N ILE A 612 -21.62 2.75 4.55
CA ILE A 612 -21.02 1.52 5.08
C ILE A 612 -21.09 1.49 6.60
N VAL A 613 -21.02 2.67 7.24
CA VAL A 613 -20.95 2.71 8.71
C VAL A 613 -22.18 2.08 9.33
N ASP A 614 -23.33 2.18 8.64
CA ASP A 614 -24.55 1.57 9.16
C ASP A 614 -24.40 0.06 9.29
N SER A 615 -23.78 -0.59 8.29
CA SER A 615 -23.57 -2.03 8.38
C SER A 615 -22.45 -2.37 9.34
N LEU A 616 -21.43 -1.51 9.45
CA LEU A 616 -20.40 -1.72 10.45
C LEU A 616 -20.99 -1.75 11.85
N LYS A 617 -22.04 -0.96 12.09
CA LYS A 617 -22.72 -1.03 13.39
C LYS A 617 -23.30 -2.42 13.64
N LEU A 618 -23.94 -3.01 12.63
CA LEU A 618 -24.50 -4.36 12.79
C LEU A 618 -23.39 -5.36 13.07
N CYS A 619 -22.27 -5.25 12.36
CA CYS A 619 -21.14 -6.14 12.63
C CYS A 619 -20.65 -5.99 14.06
N LEU A 620 -20.53 -4.75 14.54
CA LEU A 620 -20.04 -4.52 15.89
C LEU A 620 -21.00 -5.09 16.94
N VAL A 621 -22.30 -4.87 16.78
CA VAL A 621 -23.25 -5.35 17.78
C VAL A 621 -23.33 -6.88 17.77
N GLY A 622 -23.26 -7.50 16.59
CA GLY A 622 -23.20 -8.96 16.54
C GLY A 622 -21.96 -9.50 17.22
N SER A 623 -20.82 -8.86 17.00
CA SER A 623 -19.59 -9.28 17.67
C SER A 623 -19.74 -9.16 19.18
N LEU A 624 -20.38 -8.09 19.65
CA LEU A 624 -20.63 -7.93 21.08
C LEU A 624 -21.51 -9.05 21.63
N LYS A 625 -22.56 -9.41 20.91
CA LYS A 625 -23.42 -10.49 21.38
C LYS A 625 -22.66 -11.81 21.46
N LYS A 626 -21.85 -12.10 20.44
CA LYS A 626 -21.06 -13.34 20.48
C LYS A 626 -20.07 -13.33 21.63
N TYR A 627 -19.43 -12.18 21.88
CA TYR A 627 -18.54 -12.07 23.02
C TYR A 627 -19.29 -12.33 24.32
N TYR A 628 -20.52 -11.82 24.43
CA TYR A 628 -21.31 -12.07 25.63
C TYR A 628 -21.64 -13.55 25.78
N GLU A 629 -21.98 -14.22 24.67
CA GLU A 629 -22.25 -15.66 24.73
C GLU A 629 -21.04 -16.42 25.25
N VAL A 630 -19.86 -16.11 24.72
CA VAL A 630 -18.67 -16.87 25.10
C VAL A 630 -18.27 -16.55 26.55
N ASN A 631 -18.30 -15.28 26.95
CA ASN A 631 -17.69 -14.86 28.20
C ASN A 631 -18.67 -14.52 29.31
N HIS A 632 -19.96 -14.39 29.01
CA HIS A 632 -20.96 -13.99 30.01
C HIS A 632 -20.63 -12.63 30.63
N CYS A 633 -20.15 -11.72 29.78
CA CYS A 633 -19.86 -10.35 30.15
C CYS A 633 -19.69 -9.56 28.86
N LEU A 634 -19.37 -8.28 29.00
CA LEU A 634 -19.12 -7.42 27.86
C LEU A 634 -17.76 -6.76 27.99
N PRO A 635 -17.09 -6.46 26.88
CA PRO A 635 -15.70 -5.99 26.96
C PRO A 635 -15.60 -4.62 27.61
N GLU A 636 -14.64 -4.46 28.51
CA GLU A 636 -14.39 -3.15 29.10
C GLU A 636 -13.68 -2.22 28.13
N LYS A 637 -12.69 -2.75 27.41
CA LYS A 637 -11.89 -1.99 26.46
C LYS A 637 -12.07 -2.60 25.08
N ILE A 638 -12.28 -1.75 24.08
CA ILE A 638 -12.44 -2.17 22.69
C ILE A 638 -11.40 -1.42 21.86
N VAL A 639 -10.51 -2.16 21.21
CA VAL A 639 -9.41 -1.58 20.45
C VAL A 639 -9.68 -1.84 18.96
N VAL A 640 -9.73 -0.77 18.18
CA VAL A 640 -10.10 -0.82 16.77
C VAL A 640 -8.89 -0.42 15.94
N TYR A 641 -8.52 -1.28 14.99
CA TYR A 641 -7.42 -1.02 14.07
C TYR A 641 -7.99 -0.81 12.68
N ARG A 642 -8.07 0.43 12.23
CA ARG A 642 -8.68 0.79 10.97
C ARG A 642 -7.58 0.92 9.93
N ASP A 643 -7.55 0.02 8.97
CA ASP A 643 -6.53 -0.01 7.93
C ASP A 643 -7.21 0.21 6.58
N GLY A 644 -6.43 0.74 5.63
CA GLY A 644 -6.90 0.95 4.28
C GLY A 644 -7.39 2.36 3.99
N VAL A 645 -7.53 3.21 5.00
CA VAL A 645 -7.96 4.58 4.78
C VAL A 645 -6.79 5.39 4.26
N SER A 646 -7.06 6.26 3.28
CA SER A 646 -6.02 7.07 2.67
C SER A 646 -5.61 8.20 3.60
N ASP A 647 -4.65 9.01 3.15
CA ASP A 647 -4.16 10.12 3.94
C ASP A 647 -5.14 11.29 3.98
N GLY A 648 -5.99 11.42 2.97
CA GLY A 648 -6.94 12.51 2.90
C GLY A 648 -8.27 12.28 3.58
N GLN A 649 -8.43 11.15 4.26
CA GLN A 649 -9.69 10.81 4.94
C GLN A 649 -9.51 10.59 6.44
N LEU A 650 -8.39 11.01 7.02
CA LEU A 650 -8.22 10.86 8.46
C LEU A 650 -9.24 11.70 9.21
N LYS A 651 -9.46 12.94 8.79
CA LYS A 651 -10.46 13.78 9.44
C LYS A 651 -11.85 13.21 9.25
N THR A 652 -12.13 12.66 8.07
CA THR A 652 -13.43 12.05 7.82
C THR A 652 -13.67 10.87 8.75
N VAL A 653 -12.66 10.02 8.93
CA VAL A 653 -12.83 8.85 9.80
C VAL A 653 -12.96 9.27 11.25
N ALA A 654 -12.11 10.20 11.70
CA ALA A 654 -12.09 10.57 13.10
C ALA A 654 -13.34 11.34 13.50
N ASN A 655 -13.77 12.28 12.67
CA ASN A 655 -14.86 13.18 13.05
C ASN A 655 -16.22 12.49 12.93
N TYR A 656 -16.39 11.62 11.93
CA TYR A 656 -17.70 11.10 11.58
C TYR A 656 -17.87 9.64 11.99
N GLU A 657 -16.99 8.75 11.52
CA GLU A 657 -17.25 7.33 11.59
C GLU A 657 -17.17 6.81 13.02
N ILE A 658 -16.12 7.17 13.75
CA ILE A 658 -15.90 6.62 15.09
C ILE A 658 -17.00 7.08 16.03
N PRO A 659 -17.35 8.36 16.08
CA PRO A 659 -18.53 8.75 16.89
C PRO A 659 -19.79 8.04 16.47
N GLN A 660 -19.97 7.78 15.17
CA GLN A 660 -21.14 7.05 14.72
C GLN A 660 -21.16 5.63 15.29
N LEU A 661 -20.02 4.94 15.24
CA LEU A 661 -19.94 3.61 15.81
C LEU A 661 -20.19 3.64 17.31
N GLN A 662 -19.76 4.71 17.98
CA GLN A 662 -19.88 4.75 19.43
C GLN A 662 -21.33 4.73 19.89
N LYS A 663 -22.27 5.12 19.03
CA LYS A 663 -23.67 5.15 19.42
C LYS A 663 -24.33 3.78 19.40
N CYS A 664 -23.73 2.80 18.73
CA CYS A 664 -24.30 1.46 18.71
C CYS A 664 -24.32 0.83 20.10
N PHE A 665 -23.47 1.33 21.00
CA PHE A 665 -23.37 0.75 22.33
C PHE A 665 -24.58 1.06 23.20
N GLU A 666 -25.41 2.03 22.80
CA GLU A 666 -26.61 2.37 23.55
C GLU A 666 -27.65 1.26 23.50
N ALA A 667 -27.54 0.33 22.54
CA ALA A 667 -28.48 -0.78 22.48
C ALA A 667 -28.42 -1.62 23.74
N PHE A 668 -27.21 -1.85 24.27
CA PHE A 668 -27.06 -2.49 25.57
C PHE A 668 -27.24 -1.43 26.65
N ASP A 669 -28.13 -1.70 27.59
CA ASP A 669 -28.47 -0.70 28.58
C ASP A 669 -27.31 -0.41 29.52
N ASN A 670 -26.99 0.88 29.67
CA ASN A 670 -25.94 1.35 30.57
C ASN A 670 -24.61 0.66 30.27
N TYR A 671 -24.18 0.74 29.01
CA TYR A 671 -22.91 0.17 28.56
C TYR A 671 -22.09 1.28 27.91
N HIS A 672 -21.01 1.68 28.58
CA HIS A 672 -20.11 2.73 28.10
C HIS A 672 -18.71 2.14 28.07
N PRO A 673 -18.22 1.65 26.91
CA PRO A 673 -16.88 1.05 26.89
C PRO A 673 -15.79 2.07 26.60
N LYS A 674 -14.68 1.96 27.32
CA LYS A 674 -13.47 2.68 26.92
C LYS A 674 -13.00 2.14 25.58
N MET A 675 -12.46 3.02 24.74
CA MET A 675 -12.12 2.63 23.38
C MET A 675 -10.88 3.36 22.91
N VAL A 676 -10.01 2.63 22.20
CA VAL A 676 -8.84 3.17 21.54
C VAL A 676 -8.96 2.83 20.07
N VAL A 677 -8.79 3.82 19.21
CA VAL A 677 -8.93 3.65 17.76
C VAL A 677 -7.64 4.10 17.09
N PHE A 678 -7.11 3.26 16.20
CA PHE A 678 -5.89 3.53 15.46
C PHE A 678 -6.20 3.65 13.98
N VAL A 679 -5.26 4.21 13.23
CA VAL A 679 -5.30 4.23 11.78
C VAL A 679 -3.95 3.76 11.28
N VAL A 680 -3.94 2.72 10.45
CA VAL A 680 -2.73 2.03 10.04
C VAL A 680 -2.43 2.38 8.59
N GLN A 681 -1.20 2.80 8.33
CA GLN A 681 -0.74 3.16 6.99
C GLN A 681 0.52 2.38 6.66
N LYS A 682 0.50 1.68 5.53
CA LYS A 682 1.62 0.86 5.09
C LYS A 682 2.47 1.53 4.03
N LYS A 683 1.88 2.35 3.18
CA LYS A 683 2.58 2.95 2.04
C LYS A 683 3.20 4.29 2.42
N ILE A 684 4.14 4.23 3.36
CA ILE A 684 4.90 5.40 3.76
C ILE A 684 6.23 5.42 3.01
N SER A 685 6.84 6.60 2.94
CA SER A 685 8.07 6.82 2.18
C SER A 685 9.29 7.04 3.07
N THR A 686 9.17 6.79 4.37
CA THR A 686 10.28 6.99 5.30
C THR A 686 11.09 5.70 5.39
N ASN A 687 12.42 5.84 5.46
CA ASN A 687 13.33 4.72 5.59
C ASN A 687 14.20 4.89 6.82
N LEU A 688 14.55 3.77 7.44
CA LEU A 688 15.39 3.74 8.63
C LEU A 688 16.71 3.07 8.31
N TYR A 689 17.78 3.54 8.94
CA TYR A 689 19.09 2.91 8.88
C TYR A 689 19.59 2.71 10.29
N LEU A 690 20.38 1.67 10.51
CA LEU A 690 21.04 1.42 11.79
C LEU A 690 22.48 1.88 11.67
N ALA A 691 22.93 2.66 12.65
CA ALA A 691 24.26 3.28 12.61
C ALA A 691 25.27 2.31 13.20
N ALA A 692 25.83 1.46 12.35
CA ALA A 692 26.94 0.62 12.78
C ALA A 692 28.25 1.42 12.71
N PRO A 693 29.29 1.00 13.43
CA PRO A 693 30.56 1.75 13.38
C PRO A 693 31.17 1.82 11.99
N ASP A 694 30.87 0.88 11.10
CA ASP A 694 31.47 0.84 9.78
C ASP A 694 30.66 1.56 8.72
N HIS A 695 29.39 1.21 8.56
CA HIS A 695 28.53 1.80 7.54
C HIS A 695 27.07 1.59 7.98
N PHE A 696 26.14 1.81 7.06
CA PHE A 696 24.72 1.71 7.35
C PHE A 696 24.21 0.32 6.99
N VAL A 697 23.46 -0.28 7.93
CA VAL A 697 22.96 -1.64 7.81
C VAL A 697 21.44 -1.62 8.03
N THR A 698 20.84 -2.80 8.01
CA THR A 698 19.40 -2.92 8.22
C THR A 698 19.07 -2.79 9.71
N PRO A 699 18.02 -2.06 10.10
CA PRO A 699 17.67 -2.00 11.51
C PRO A 699 17.12 -3.33 12.01
N SER A 700 17.27 -3.57 13.31
CA SER A 700 16.75 -4.77 13.91
C SER A 700 15.21 -4.73 13.90
N PRO A 701 14.54 -5.88 13.85
CA PRO A 701 13.08 -5.87 14.01
C PRO A 701 12.69 -5.39 15.40
N GLY A 702 11.56 -4.70 15.48
CA GLY A 702 11.05 -4.19 16.72
C GLY A 702 11.49 -2.81 17.11
N THR A 703 11.77 -1.93 16.14
CA THR A 703 12.27 -0.58 16.42
C THR A 703 11.12 0.41 16.32
N VAL A 704 10.96 1.23 17.36
CA VAL A 704 9.86 2.18 17.47
C VAL A 704 10.42 3.58 17.49
N VAL A 705 9.72 4.50 16.82
CA VAL A 705 10.05 5.92 16.79
C VAL A 705 8.80 6.72 17.11
N ASP A 706 8.89 7.59 18.11
CA ASP A 706 7.74 8.35 18.59
C ASP A 706 8.03 9.84 18.69
N HIS A 707 9.05 10.33 17.99
CA HIS A 707 9.40 11.74 18.04
C HIS A 707 10.22 12.12 16.82
N THR A 708 10.21 13.42 16.51
CA THR A 708 11.10 14.08 15.57
C THR A 708 10.74 13.79 14.11
N ILE A 709 9.81 12.86 13.86
CA ILE A 709 9.22 12.68 12.54
C ILE A 709 7.72 12.44 12.61
N THR A 710 7.14 12.32 13.81
CA THR A 710 5.72 12.12 13.98
C THR A 710 4.95 13.34 13.46
N SER A 711 3.63 13.18 13.37
CA SER A 711 2.77 14.33 13.06
C SER A 711 2.58 15.19 14.31
N CYS A 712 2.42 16.48 14.07
CA CYS A 712 2.21 17.46 15.14
C CYS A 712 0.75 17.64 15.51
N GLU A 713 -0.18 16.99 14.79
CA GLU A 713 -1.60 17.08 15.06
C GLU A 713 -2.10 15.95 15.95
N TRP A 714 -1.78 14.70 15.61
CA TRP A 714 -2.23 13.53 16.34
C TRP A 714 -1.09 12.97 17.19
N VAL A 715 -1.43 11.91 17.94
CA VAL A 715 -0.46 11.10 18.66
C VAL A 715 -0.21 9.86 17.82
N ASP A 716 1.02 9.68 17.38
CA ASP A 716 1.32 8.62 16.43
C ASP A 716 2.75 8.14 16.61
N PHE A 717 3.04 6.99 16.01
CA PHE A 717 4.37 6.39 16.11
C PHE A 717 4.64 5.52 14.88
N TYR A 718 5.92 5.26 14.65
CA TYR A 718 6.40 4.38 13.59
C TYR A 718 6.95 3.10 14.22
N LEU A 719 6.53 1.96 13.69
CA LEU A 719 6.95 0.66 14.21
C LEU A 719 7.53 -0.18 13.09
N LEU A 720 8.67 -0.82 13.35
CA LEU A 720 9.28 -1.80 12.47
C LEU A 720 9.29 -3.13 13.22
N ALA A 721 8.41 -4.05 12.83
CA ALA A 721 8.19 -5.29 13.56
C ALA A 721 8.64 -6.53 12.80
N HIS A 722 8.88 -6.42 11.49
CA HIS A 722 9.25 -7.56 10.67
C HIS A 722 10.75 -7.52 10.37
N HIS A 723 11.21 -8.54 9.65
CA HIS A 723 12.62 -8.72 9.33
C HIS A 723 12.82 -8.40 7.86
N VAL A 724 13.66 -7.41 7.57
CA VAL A 724 13.93 -6.95 6.21
C VAL A 724 15.13 -7.74 5.71
N ARG A 725 14.90 -8.56 4.69
CA ARG A 725 15.98 -9.41 4.17
C ARG A 725 17.01 -8.58 3.40
N GLN A 726 16.53 -7.66 2.56
CA GLN A 726 17.41 -6.79 1.78
C GLN A 726 16.75 -5.43 1.60
N GLY A 727 17.55 -4.38 1.74
CA GLY A 727 17.09 -3.02 1.56
C GLY A 727 16.86 -2.30 2.87
N CYS A 728 16.46 -1.04 2.75
CA CYS A 728 16.15 -0.22 3.92
C CYS A 728 14.78 -0.56 4.46
N GLY A 729 14.64 -0.48 5.78
CA GLY A 729 13.38 -0.80 6.40
C GLY A 729 12.35 0.29 6.20
N ILE A 730 11.11 -0.14 6.00
CA ILE A 730 9.97 0.77 5.83
C ILE A 730 9.02 0.51 6.99
N PRO A 731 8.95 1.37 8.02
CA PRO A 731 8.05 1.08 9.14
C PRO A 731 6.58 1.28 8.80
N THR A 732 5.72 1.06 9.78
CA THR A 732 4.29 1.27 9.66
C THR A 732 3.90 2.42 10.57
N HIS A 733 3.01 3.29 10.10
CA HIS A 733 2.59 4.48 10.83
C HIS A 733 1.26 4.21 11.51
N TYR A 734 1.23 4.40 12.83
CA TYR A 734 0.03 4.21 13.64
C TYR A 734 -0.37 5.56 14.21
N ILE A 735 -1.60 5.98 13.93
CA ILE A 735 -2.12 7.28 14.33
C ILE A 735 -3.34 7.05 15.21
N CYS A 736 -3.33 7.58 16.43
CA CYS A 736 -4.43 7.38 17.37
C CYS A 736 -5.39 8.56 17.25
N VAL A 737 -6.64 8.25 16.87
CA VAL A 737 -7.68 9.27 16.73
C VAL A 737 -8.63 9.34 17.91
N LEU A 738 -8.73 8.28 18.70
CA LEU A 738 -9.54 8.28 19.91
C LEU A 738 -8.85 7.43 20.96
N ASN A 739 -8.71 7.97 22.17
CA ASN A 739 -8.02 7.32 23.27
C ASN A 739 -8.81 7.47 24.56
N THR A 740 -10.11 7.16 24.52
CA THR A 740 -10.94 7.31 25.71
C THR A 740 -10.45 6.46 26.87
N ALA A 741 -9.69 5.41 26.60
CA ALA A 741 -9.18 4.55 27.66
C ALA A 741 -7.99 5.15 28.39
N ASN A 742 -7.43 6.26 27.90
CA ASN A 742 -6.26 6.88 28.49
C ASN A 742 -5.12 5.87 28.57
N LEU A 743 -4.67 5.37 27.42
CA LEU A 743 -3.56 4.44 27.33
C LEU A 743 -2.26 5.23 27.18
N SER A 744 -1.24 4.83 27.93
CA SER A 744 0.06 5.43 27.76
C SER A 744 0.58 5.11 26.36
N PRO A 745 1.42 5.97 25.78
CA PRO A 745 1.96 5.65 24.44
C PRO A 745 2.71 4.32 24.40
N ASP A 746 3.50 4.03 25.43
CA ASP A 746 4.29 2.80 25.44
C ASP A 746 3.38 1.57 25.41
N HIS A 747 2.26 1.62 26.13
CA HIS A 747 1.33 0.49 26.11
C HIS A 747 0.74 0.31 24.71
N MET A 748 0.42 1.41 24.03
CA MET A 748 -0.06 1.30 22.66
C MET A 748 0.97 0.64 21.76
N GLN A 749 2.23 1.10 21.87
CA GLN A 749 3.28 0.54 21.02
C GLN A 749 3.48 -0.94 21.28
N ARG A 750 3.51 -1.35 22.56
CA ARG A 750 3.78 -2.75 22.85
C ARG A 750 2.59 -3.62 22.50
N LEU A 751 1.37 -3.11 22.65
CA LEU A 751 0.20 -3.89 22.25
C LEU A 751 0.20 -4.12 20.75
N THR A 752 0.53 -3.08 19.97
CA THR A 752 0.62 -3.26 18.51
C THR A 752 1.70 -4.26 18.15
N PHE A 753 2.87 -4.16 18.80
CA PHE A 753 3.94 -5.10 18.51
C PHE A 753 3.54 -6.53 18.86
N LYS A 754 2.83 -6.72 19.97
CA LYS A 754 2.33 -8.04 20.32
C LYS A 754 1.37 -8.56 19.26
N LEU A 755 0.41 -7.73 18.84
CA LEU A 755 -0.57 -8.18 17.84
C LEU A 755 0.08 -8.48 16.50
N CYS A 756 1.28 -7.95 16.25
CA CYS A 756 2.00 -8.36 15.05
C CYS A 756 2.51 -9.80 15.09
N HIS A 757 2.38 -10.51 16.21
CA HIS A 757 2.84 -11.89 16.34
C HIS A 757 1.72 -12.92 16.15
N MET A 758 0.46 -12.50 16.05
CA MET A 758 -0.69 -13.39 16.11
C MET A 758 -1.21 -13.81 14.74
N TYR A 759 -0.38 -13.75 13.71
CA TYR A 759 -0.77 -14.21 12.38
C TYR A 759 -0.43 -15.68 12.26
N TRP A 760 -1.46 -16.53 12.22
CA TRP A 760 -1.26 -17.97 12.29
C TRP A 760 -0.86 -18.59 10.96
N ASN A 761 -0.88 -17.83 9.87
CA ASN A 761 -0.52 -18.33 8.56
C ASN A 761 0.95 -18.08 8.21
N TRP A 762 1.74 -17.59 9.15
CA TRP A 762 3.16 -17.31 8.94
C TRP A 762 3.90 -17.41 10.27
N PRO A 763 4.78 -18.40 10.48
CA PRO A 763 5.46 -18.50 11.78
C PRO A 763 6.51 -17.42 11.95
N GLY A 764 6.05 -16.21 12.28
CA GLY A 764 6.92 -15.07 12.42
C GLY A 764 6.11 -13.80 12.46
N THR A 765 6.80 -12.71 12.77
CA THR A 765 6.12 -11.42 12.88
C THR A 765 5.90 -10.79 11.52
N ILE A 766 4.78 -10.09 11.39
CA ILE A 766 4.36 -9.48 10.13
C ILE A 766 4.36 -7.97 10.30
N ARG A 767 3.99 -7.26 9.23
CA ARG A 767 4.06 -5.80 9.26
C ARG A 767 2.93 -5.18 10.09
N VAL A 768 1.71 -5.68 9.92
CA VAL A 768 0.53 -5.07 10.54
C VAL A 768 0.01 -5.98 11.65
N PRO A 769 -0.91 -5.52 12.49
CA PRO A 769 -1.52 -6.43 13.47
C PRO A 769 -2.25 -7.57 12.78
N ALA A 770 -2.32 -8.70 13.48
CA ALA A 770 -2.96 -9.89 12.90
C ALA A 770 -4.38 -9.65 12.42
N PRO A 771 -5.29 -9.04 13.20
CA PRO A 771 -6.66 -8.86 12.69
C PRO A 771 -6.75 -8.02 11.43
N CYS A 772 -5.88 -7.03 11.25
CA CYS A 772 -5.88 -6.28 10.00
C CYS A 772 -5.56 -7.18 8.81
N LYS A 773 -4.56 -8.04 8.95
CA LYS A 773 -4.21 -8.97 7.89
C LYS A 773 -5.34 -9.95 7.63
N TYR A 774 -5.98 -10.46 8.69
CA TYR A 774 -7.11 -11.38 8.51
C TYR A 774 -8.24 -10.70 7.78
N ALA A 775 -8.56 -9.46 8.14
CA ALA A 775 -9.62 -8.73 7.46
C ALA A 775 -9.27 -8.48 5.99
N HIS A 776 -8.01 -8.16 5.72
CA HIS A 776 -7.58 -7.97 4.33
C HIS A 776 -7.76 -9.25 3.53
N LYS A 777 -7.35 -10.39 4.09
CA LYS A 777 -7.49 -11.66 3.39
C LYS A 777 -8.95 -12.02 3.17
N LEU A 778 -9.80 -11.80 4.16
CA LEU A 778 -11.23 -12.08 4.00
C LEU A 778 -11.84 -11.19 2.94
N ALA A 779 -11.51 -9.89 2.93
CA ALA A 779 -12.04 -8.99 1.92
C ALA A 779 -11.57 -9.39 0.53
N PHE A 780 -10.30 -9.76 0.41
CA PHE A 780 -9.78 -10.21 -0.89
C PHE A 780 -10.54 -11.43 -1.38
N LEU A 781 -10.71 -12.44 -0.51
CA LEU A 781 -11.42 -13.65 -0.91
C LEU A 781 -12.86 -13.34 -1.31
N SER A 782 -13.54 -12.52 -0.52
CA SER A 782 -14.95 -12.24 -0.80
C SER A 782 -15.12 -11.30 -1.99
N GLY A 783 -14.09 -10.55 -2.36
CA GLY A 783 -14.21 -9.60 -3.44
C GLY A 783 -13.82 -10.16 -4.80
N GLN A 784 -12.78 -10.98 -4.84
CA GLN A 784 -12.30 -11.54 -6.09
C GLN A 784 -12.84 -12.94 -6.37
N ILE A 785 -12.67 -13.87 -5.44
CA ILE A 785 -12.98 -15.27 -5.70
C ILE A 785 -14.47 -15.55 -5.52
N LEU A 786 -15.06 -15.12 -4.41
CA LEU A 786 -16.43 -15.53 -4.11
C LEU A 786 -17.46 -14.63 -4.78
N HIS A 787 -17.24 -13.32 -4.79
CA HIS A 787 -18.21 -12.35 -5.30
C HIS A 787 -19.54 -12.46 -4.54
N HIS A 788 -19.49 -12.86 -3.27
CA HIS A 788 -20.69 -13.10 -2.49
C HIS A 788 -20.27 -13.24 -1.03
N GLU A 789 -21.18 -12.87 -0.13
CA GLU A 789 -20.87 -12.97 1.28
C GLU A 789 -20.71 -14.44 1.67
N PRO A 790 -19.77 -14.79 2.55
CA PRO A 790 -19.66 -16.18 2.99
C PRO A 790 -20.84 -16.60 3.83
N ALA A 791 -21.05 -17.92 3.90
CA ALA A 791 -22.13 -18.46 4.71
C ALA A 791 -21.90 -18.18 6.18
N ILE A 792 -22.99 -17.97 6.91
CA ILE A 792 -22.90 -17.62 8.33
C ILE A 792 -22.29 -18.76 9.13
N GLN A 793 -22.48 -20.01 8.69
CA GLN A 793 -22.00 -21.15 9.46
C GLN A 793 -20.48 -21.17 9.57
N LEU A 794 -19.78 -20.71 8.53
CA LEU A 794 -18.32 -20.76 8.52
C LEU A 794 -17.67 -19.59 9.24
N CYS A 795 -18.42 -18.54 9.57
CA CYS A 795 -17.83 -17.34 10.14
C CYS A 795 -17.29 -17.55 11.55
N GLY A 796 -17.62 -18.67 12.20
CA GLY A 796 -17.11 -18.91 13.55
C GLY A 796 -15.65 -19.26 13.62
N ASN A 797 -15.07 -19.77 12.54
CA ASN A 797 -13.67 -20.16 12.47
C ASN A 797 -12.97 -19.38 11.36
N LEU A 798 -11.65 -19.52 11.31
CA LEU A 798 -10.84 -18.85 10.29
C LEU A 798 -10.79 -19.71 9.03
N PHE A 799 -11.96 -19.81 8.40
CA PHE A 799 -12.10 -20.58 7.17
C PHE A 799 -11.37 -19.97 5.98
N PHE A 800 -10.98 -18.71 6.06
CA PHE A 800 -10.52 -17.95 4.90
C PHE A 800 -9.02 -17.98 4.72
N LEU A 801 -8.31 -18.79 5.49
CA LEU A 801 -6.86 -18.88 5.35
C LEU A 801 -6.49 -19.60 4.05
N1 OMC B 26 -4.49 18.34 -28.45
C2 OMC B 26 -5.64 19.27 -28.58
N3 OMC B 26 -5.44 20.74 -28.42
C4 OMC B 26 -4.11 21.28 -28.15
C5 OMC B 26 -2.96 20.35 -28.02
C6 OMC B 26 -3.15 18.89 -28.18
O2 OMC B 26 -6.71 18.85 -28.79
N4 OMC B 26 -3.90 22.72 -28.00
C1' OMC B 26 -4.68 16.88 -28.60
C2' OMC B 26 -4.77 16.45 -30.07
O2' OMC B 26 -5.68 15.37 -30.17
CM2 OMC B 26 -7.03 15.75 -30.40
C3' OMC B 26 -3.35 15.99 -30.35
C4' OMC B 26 -2.94 15.37 -29.02
O4' OMC B 26 -3.57 16.21 -28.03
O3' OMC B 26 -3.25 15.08 -31.43
C5' OMC B 26 -1.46 15.31 -28.76
O5' OMC B 26 -0.91 16.60 -28.55
P OMC B 26 0.59 16.79 -28.04
OP1 OMC B 26 1.38 15.51 -27.93
OP2 OMC B 26 1.05 18.22 -27.84
MG MG C . -4.69 -20.44 2.06
MG MG D . -5.19 -3.13 3.13
#